data_9JUB
#
_entry.id   9JUB
#
loop_
_entity.id
_entity.type
_entity.pdbx_description
1 polymer 'Hyaluronidase PH-20'
2 polymer 'Heavy chain of 79C11Fab'
3 polymer 'Light chain of 79C11Fab'
4 branched 2-acetamido-2-deoxy-beta-D-glucopyranose-(1-4)-2-acetamido-2-deoxy-beta-D-glucopyranose
5 non-polymer 2-acetamido-2-deoxy-beta-D-glucopyranose
#
loop_
_entity_poly.entity_id
_entity_poly.type
_entity_poly.pdbx_seq_one_letter_code
_entity_poly.pdbx_strand_id
1 'polypeptide(L)'
;NFRAPPVIPNVPFLWAWNAPSEFCLGKFDEPLDMSLFSFIGSPRINATGQGVTIFYVDRLGYYPYIDSITGVTVNGGIPQ
KISLQDHLDKAKKDITFYMPVDNLGMAVIDWEEWRPTWARNWKPKDVYKNRSIELVQQQNVQLSLTEATEKAKQEFEKAG
KDFLVETIKLGKLLRPNHLWGYYLFPDCYNHHYKKPGYNGSCFNVEIKRNDDLSWLWNESTALYPSIYLNTQQSPVAATL
YVRNRVREAIRVSKIPDAKSPLPVFAYTRIVFTDQVLKFLSQDELVYTFGETVALGASGIVIWGTLSIMRSMKSCLLLDN
YMETILNPYIINVTLAAKMCSQVLCQEQGVCIRKNWNSSDYLHLNPDNFAIQLEKGGKFTVRGKPTLEDLEQFSEKFYCS
CYSTLS
;
A
2 'polypeptide(L)'
;QSVEESGGRLVTPGGSLTLTCTVSGFSLSSNAISWVRQAPGKGLEYIGIISTSGSTYYANWAKGRFTISKTSTTVDLKMT
SLTTEDTATYFCARDGAYDDFAYYFDLWGQGTLVTVSSGQPKAPSVFPLAPCCGDTPSSTVTLGCLVKGYLPEPVTVTWN
SGTLTNGVRTFPSVRQSSGLYSLSSVVSVTSSSQPVTCNVAHPATNTKVDKTVAPS
;
B
3 'polypeptide(L)'
;ALVMTQTPSSVSAAVGGTVTINCQASQNIYSGLAWYQQKLGQPPKLLIYKASTLASGVPSRFKGSGSGTQFTLTISGVQC
DDAATYYCQLAYSSTNVDNAFGGGTEVVVKGDPVAPTVLIFPPAADQVATGTVTIVCVANKYFPDVTVTWEVDGTTQTTG
IENSKTPQNSADCTYNLSSTLTLTSTQYNSHKEYTCKVTQGTTSVVQSFNRG
;
C
#
# COMPACT_ATOMS: atom_id res chain seq x y z
N ASN A 1 -16.96 -1.35 -21.46
CA ASN A 1 -16.01 -0.88 -22.47
C ASN A 1 -14.60 -1.27 -22.09
N PHE A 2 -14.00 -2.16 -22.87
CA PHE A 2 -12.68 -2.72 -22.60
C PHE A 2 -11.61 -1.72 -23.02
N ARG A 3 -10.36 -2.18 -23.08
CA ARG A 3 -9.25 -1.31 -23.42
C ARG A 3 -8.05 -2.16 -23.83
N ALA A 4 -7.09 -1.53 -24.48
CA ALA A 4 -5.94 -2.21 -25.06
C ALA A 4 -5.00 -2.76 -23.97
N PRO A 5 -4.18 -3.74 -24.30
CA PRO A 5 -3.21 -4.26 -23.33
C PRO A 5 -1.92 -3.47 -23.38
N PRO A 6 -1.20 -3.36 -22.27
CA PRO A 6 0.01 -2.54 -22.27
C PRO A 6 1.14 -3.21 -23.03
N VAL A 7 1.87 -2.40 -23.79
CA VAL A 7 2.96 -2.92 -24.60
C VAL A 7 4.12 -3.36 -23.72
N ILE A 8 4.48 -2.53 -22.75
CA ILE A 8 5.55 -2.84 -21.80
C ILE A 8 4.90 -3.26 -20.48
N PRO A 9 5.19 -4.46 -19.98
CA PRO A 9 4.59 -4.89 -18.71
C PRO A 9 5.05 -4.00 -17.56
N ASN A 10 4.24 -3.98 -16.51
CA ASN A 10 4.40 -3.13 -15.33
C ASN A 10 4.22 -1.66 -15.64
N VAL A 11 3.69 -1.32 -16.81
CA VAL A 11 3.43 0.06 -17.20
C VAL A 11 2.06 0.12 -17.86
N PRO A 12 1.03 0.64 -17.20
CA PRO A 12 -0.30 0.72 -17.82
C PRO A 12 -0.48 1.96 -18.69
N PHE A 13 0.25 3.03 -18.37
CA PHE A 13 0.22 4.28 -19.12
C PHE A 13 1.65 4.61 -19.52
N LEU A 14 1.87 4.80 -20.83
CA LEU A 14 3.21 4.86 -21.39
C LEU A 14 3.51 6.24 -21.94
N TRP A 15 4.79 6.62 -21.93
CA TRP A 15 5.25 7.92 -22.37
C TRP A 15 6.29 7.77 -23.46
N ALA A 16 6.15 8.56 -24.52
CA ALA A 16 7.07 8.59 -25.64
C ALA A 16 7.54 10.01 -25.87
N TRP A 17 8.81 10.16 -26.23
CA TRP A 17 9.39 11.48 -26.44
C TRP A 17 10.05 11.51 -27.81
N ASN A 18 9.49 12.26 -28.75
CA ASN A 18 9.99 12.34 -30.12
C ASN A 18 10.40 13.77 -30.40
N ALA A 19 11.67 14.09 -30.15
CA ALA A 19 12.21 15.40 -30.46
C ALA A 19 13.71 15.26 -30.63
N PRO A 20 14.34 16.16 -31.39
CA PRO A 20 15.79 16.02 -31.66
C PRO A 20 16.69 16.51 -30.54
N SER A 21 16.16 16.60 -29.31
CA SER A 21 16.93 17.07 -28.16
C SER A 21 18.04 16.11 -27.74
N GLU A 22 18.28 15.04 -28.50
CA GLU A 22 19.29 14.07 -28.12
C GLU A 22 20.69 14.64 -28.10
N PHE A 23 20.89 15.82 -28.69
CA PHE A 23 22.22 16.41 -28.76
C PHE A 23 22.59 17.14 -27.47
N CYS A 24 21.75 18.07 -27.03
CA CYS A 24 22.10 18.91 -25.89
C CYS A 24 22.16 18.08 -24.61
N LEU A 25 23.21 18.32 -23.83
CA LEU A 25 23.49 17.53 -22.62
C LEU A 25 22.89 18.18 -21.37
N GLY A 26 21.60 18.52 -21.43
CA GLY A 26 20.86 19.02 -20.29
C GLY A 26 21.57 20.08 -19.46
N LYS A 27 21.80 19.76 -18.18
CA LYS A 27 22.51 20.64 -17.27
C LYS A 27 23.52 19.83 -16.48
N PHE A 28 24.63 20.49 -16.12
CA PHE A 28 25.74 19.86 -15.40
C PHE A 28 26.29 18.65 -16.15
N ASP A 29 26.32 18.74 -17.49
CA ASP A 29 26.86 17.73 -18.39
C ASP A 29 26.12 16.40 -18.34
N GLU A 30 25.04 16.29 -17.57
CA GLU A 30 24.25 15.08 -17.59
C GLU A 30 23.48 14.99 -18.90
N PRO A 31 23.60 13.88 -19.62
CA PRO A 31 23.04 13.83 -20.98
C PRO A 31 21.54 13.63 -21.03
N LEU A 32 21.00 12.79 -20.15
CA LEU A 32 19.63 12.31 -20.30
C LEU A 32 18.94 12.24 -18.94
N ASP A 33 17.77 12.87 -18.85
CA ASP A 33 16.86 12.70 -17.74
C ASP A 33 15.64 11.87 -18.12
N MET A 34 15.80 10.98 -19.09
CA MET A 34 14.69 10.29 -19.73
C MET A 34 14.37 8.94 -19.10
N SER A 35 14.56 8.81 -17.79
CA SER A 35 14.28 7.53 -17.13
C SER A 35 12.80 7.16 -17.21
N LEU A 36 11.92 8.15 -17.07
CA LEU A 36 10.49 7.89 -17.14
C LEU A 36 10.02 7.49 -18.53
N PHE A 37 10.84 7.71 -19.55
CA PHE A 37 10.42 7.59 -20.94
C PHE A 37 10.78 6.19 -21.45
N SER A 38 9.76 5.45 -21.86
CA SER A 38 10.00 4.11 -22.43
C SER A 38 10.53 4.18 -23.85
N PHE A 39 10.09 5.16 -24.63
CA PHE A 39 10.50 5.31 -26.02
C PHE A 39 11.06 6.70 -26.27
N ILE A 40 12.25 6.74 -26.87
CA ILE A 40 12.94 7.97 -27.19
C ILE A 40 13.25 7.97 -28.67
N GLY A 41 12.86 9.03 -29.37
CA GLY A 41 12.99 9.09 -30.81
C GLY A 41 13.78 10.31 -31.25
N SER A 42 14.30 10.26 -32.46
CA SER A 42 15.09 11.33 -33.04
C SER A 42 14.73 11.47 -34.51
N PRO A 43 14.18 12.61 -34.93
CA PRO A 43 13.78 12.78 -36.33
C PRO A 43 14.90 13.26 -37.25
N ARG A 44 16.13 13.41 -36.77
CA ARG A 44 17.22 13.89 -37.60
C ARG A 44 17.44 12.94 -38.77
N ILE A 45 17.76 13.50 -39.93
CA ILE A 45 17.72 12.74 -41.18
C ILE A 45 18.70 11.58 -41.12
N ASN A 46 19.92 11.84 -40.64
CA ASN A 46 20.93 10.79 -40.57
C ASN A 46 20.90 10.02 -39.26
N ALA A 47 20.08 10.45 -38.30
CA ALA A 47 20.02 9.78 -37.00
C ALA A 47 19.42 8.39 -37.14
N THR A 48 19.75 7.53 -36.18
CA THR A 48 19.29 6.16 -36.14
C THR A 48 18.73 5.81 -34.76
N GLY A 49 17.90 6.70 -34.22
CA GLY A 49 17.20 6.42 -32.97
C GLY A 49 15.98 5.56 -33.19
N GLN A 50 16.05 4.30 -32.77
CA GLN A 50 15.05 3.31 -33.16
C GLN A 50 13.68 3.58 -32.55
N GLY A 51 13.64 3.93 -31.27
CA GLY A 51 12.43 3.95 -30.48
C GLY A 51 11.17 4.46 -31.17
N VAL A 52 11.16 5.72 -31.57
CA VAL A 52 10.07 6.28 -32.35
C VAL A 52 10.70 6.99 -33.54
N THR A 53 10.84 6.26 -34.66
CA THR A 53 11.21 6.87 -35.93
C THR A 53 9.97 7.46 -36.57
N ILE A 54 10.19 8.36 -37.52
CA ILE A 54 9.10 9.02 -38.23
C ILE A 54 9.55 9.41 -39.62
N PHE A 55 8.83 8.94 -40.63
CA PHE A 55 9.09 9.29 -42.02
C PHE A 55 8.23 10.49 -42.40
N TYR A 56 8.88 11.60 -42.73
CA TYR A 56 8.18 12.82 -43.09
C TYR A 56 7.71 12.73 -44.53
N VAL A 57 7.28 13.87 -45.08
CA VAL A 57 6.87 13.94 -46.49
C VAL A 57 8.05 13.67 -47.39
N ASP A 58 9.22 14.23 -47.06
CA ASP A 58 10.38 14.18 -47.94
C ASP A 58 10.95 12.77 -48.13
N ARG A 59 10.57 11.79 -47.33
CA ARG A 59 11.09 10.42 -47.40
C ARG A 59 10.01 9.45 -47.71
N LEU A 60 10.31 8.17 -47.55
CA LEU A 60 9.37 7.06 -47.71
C LEU A 60 8.72 7.11 -49.09
N GLY A 61 9.56 6.99 -50.12
CA GLY A 61 9.08 6.83 -51.46
C GLY A 61 8.89 8.09 -52.26
N TYR A 62 7.80 8.16 -53.02
CA TYR A 62 7.58 9.23 -53.98
C TYR A 62 6.26 9.94 -53.73
N TYR A 63 6.03 10.36 -52.48
CA TYR A 63 4.77 10.98 -52.11
C TYR A 63 4.58 12.30 -52.86
N PRO A 64 3.45 12.47 -53.55
CA PRO A 64 3.21 13.70 -54.32
C PRO A 64 2.51 14.79 -53.53
N TYR A 65 2.95 16.03 -53.72
CA TYR A 65 2.31 17.13 -53.03
C TYR A 65 2.59 18.45 -53.75
N ILE A 66 1.54 19.24 -53.91
CA ILE A 66 1.64 20.61 -54.40
C ILE A 66 1.90 21.50 -53.20
N ASP A 67 3.06 22.15 -53.16
CA ASP A 67 3.44 22.93 -52.00
C ASP A 67 2.56 24.16 -51.88
N SER A 68 1.97 24.35 -50.69
CA SER A 68 1.06 25.48 -50.47
C SER A 68 1.78 26.80 -50.62
N ILE A 69 2.96 26.93 -50.02
CA ILE A 69 3.77 28.12 -50.25
C ILE A 69 4.22 28.13 -51.70
N THR A 70 4.71 29.30 -52.14
CA THR A 70 5.14 29.44 -53.53
C THR A 70 6.21 28.41 -53.85
N GLY A 71 5.86 27.44 -54.68
CA GLY A 71 6.75 26.34 -54.97
C GLY A 71 6.20 25.51 -56.12
N VAL A 72 6.94 24.47 -56.45
CA VAL A 72 6.64 23.68 -57.64
C VAL A 72 5.96 22.38 -57.24
N THR A 73 5.20 21.83 -58.18
CA THR A 73 4.62 20.50 -58.03
C THR A 73 5.71 19.44 -57.99
N VAL A 74 5.56 18.47 -57.09
CA VAL A 74 6.57 17.45 -56.84
C VAL A 74 5.94 16.09 -57.07
N ASN A 75 6.55 15.28 -57.94
CA ASN A 75 6.10 13.92 -58.24
C ASN A 75 4.69 13.87 -58.80
N GLY A 76 4.23 14.96 -59.40
CA GLY A 76 2.92 14.97 -60.02
C GLY A 76 1.92 15.84 -59.30
N GLY A 77 1.94 15.80 -57.96
CA GLY A 77 1.07 16.61 -57.13
C GLY A 77 -0.25 15.96 -56.79
N ILE A 78 -0.64 14.91 -57.52
CA ILE A 78 -1.87 14.19 -57.25
C ILE A 78 -1.58 12.70 -57.22
N PRO A 79 -2.25 11.96 -56.33
CA PRO A 79 -2.07 10.50 -56.32
C PRO A 79 -2.52 9.80 -57.60
N GLN A 80 -3.06 10.53 -58.57
CA GLN A 80 -3.44 9.92 -59.84
C GLN A 80 -2.24 9.65 -60.73
N LYS A 81 -1.24 10.53 -60.71
CA LYS A 81 -0.13 10.48 -61.65
C LYS A 81 1.08 9.69 -61.15
N ILE A 82 0.95 8.98 -60.03
CA ILE A 82 2.07 8.26 -59.45
C ILE A 82 2.15 6.87 -60.06
N SER A 83 3.37 6.33 -60.12
CA SER A 83 3.58 5.05 -60.78
C SER A 83 2.99 3.89 -59.98
N LEU A 84 3.00 3.99 -58.65
CA LEU A 84 2.51 2.93 -57.75
C LEU A 84 3.29 1.62 -57.91
N GLN A 85 4.46 1.68 -58.53
CA GLN A 85 5.40 0.57 -58.44
C GLN A 85 6.77 1.02 -57.99
N ASP A 86 7.23 2.18 -58.44
CA ASP A 86 8.49 2.73 -57.92
C ASP A 86 8.33 3.17 -56.48
N HIS A 87 7.13 3.63 -56.12
CA HIS A 87 6.88 4.09 -54.76
C HIS A 87 7.17 2.99 -53.74
N LEU A 88 6.61 1.80 -53.98
CA LEU A 88 6.84 0.71 -53.04
C LEU A 88 8.29 0.26 -53.05
N ASP A 89 8.98 0.35 -54.19
CA ASP A 89 10.38 -0.07 -54.22
C ASP A 89 11.26 0.86 -53.38
N LYS A 90 11.12 2.17 -53.58
CA LYS A 90 11.90 3.11 -52.78
C LYS A 90 11.48 3.06 -51.32
N ALA A 91 10.22 2.73 -51.04
CA ALA A 91 9.80 2.53 -49.66
C ALA A 91 10.49 1.32 -49.04
N LYS A 92 10.66 0.25 -49.82
CA LYS A 92 11.43 -0.91 -49.35
C LYS A 92 12.87 -0.51 -49.05
N LYS A 93 13.46 0.30 -49.92
CA LYS A 93 14.82 0.79 -49.67
C LYS A 93 14.88 1.56 -48.35
N ASP A 94 13.92 2.46 -48.13
CA ASP A 94 13.92 3.26 -46.90
C ASP A 94 13.71 2.39 -45.66
N ILE A 95 12.82 1.40 -45.74
CA ILE A 95 12.57 0.52 -44.60
C ILE A 95 13.82 -0.28 -44.28
N THR A 96 14.54 -0.74 -45.31
CA THR A 96 15.82 -1.41 -45.06
C THR A 96 16.79 -0.46 -44.37
N PHE A 97 16.84 0.80 -44.81
CA PHE A 97 17.81 1.74 -44.25
C PHE A 97 17.54 2.01 -42.78
N TYR A 98 16.31 2.40 -42.44
CA TYR A 98 16.06 3.06 -41.17
C TYR A 98 15.84 2.10 -40.00
N MET A 99 15.91 0.79 -40.22
CA MET A 99 15.79 -0.19 -39.15
C MET A 99 16.44 -1.49 -39.57
N PRO A 100 17.78 -1.52 -39.62
CA PRO A 100 18.47 -2.74 -40.02
C PRO A 100 18.20 -3.91 -39.10
N VAL A 101 18.03 -3.65 -37.80
CA VAL A 101 17.70 -4.68 -36.83
C VAL A 101 16.26 -4.44 -36.37
N ASP A 102 15.50 -5.53 -36.27
CA ASP A 102 14.14 -5.44 -35.80
C ASP A 102 14.12 -5.24 -34.29
N ASN A 103 13.45 -4.18 -33.83
CA ASN A 103 13.38 -3.86 -32.42
C ASN A 103 12.02 -3.23 -32.14
N LEU A 104 11.64 -3.21 -30.87
CA LEU A 104 10.34 -2.69 -30.49
C LEU A 104 10.33 -1.16 -30.54
N GLY A 105 9.31 -0.62 -31.20
CA GLY A 105 9.17 0.81 -31.31
C GLY A 105 7.93 1.15 -32.12
N MET A 106 7.68 2.44 -32.30
CA MET A 106 6.54 2.88 -33.08
C MET A 106 7.02 3.84 -34.16
N ALA A 107 6.69 3.52 -35.41
CA ALA A 107 7.00 4.37 -36.55
C ALA A 107 5.75 5.11 -36.97
N VAL A 108 5.89 6.40 -37.24
CA VAL A 108 4.78 7.26 -37.63
C VAL A 108 5.10 7.84 -39.00
N ILE A 109 4.10 7.88 -39.87
CA ILE A 109 4.27 8.45 -41.21
C ILE A 109 3.51 9.77 -41.26
N ASP A 110 4.26 10.86 -41.43
CA ASP A 110 3.75 12.23 -41.27
C ASP A 110 3.41 12.80 -42.65
N TRP A 111 2.19 12.54 -43.11
CA TRP A 111 1.74 12.96 -44.43
C TRP A 111 0.40 13.67 -44.27
N GLU A 112 0.39 14.98 -44.52
CA GLU A 112 -0.80 15.80 -44.37
C GLU A 112 -1.21 16.73 -45.49
N GLU A 113 -0.47 16.78 -46.55
CA GLU A 113 -0.69 17.85 -47.53
C GLU A 113 -2.08 17.81 -48.12
N TRP A 114 -2.57 16.63 -48.45
CA TRP A 114 -3.95 16.45 -48.89
C TRP A 114 -4.63 15.43 -47.99
N ARG A 115 -5.96 15.50 -47.97
CA ARG A 115 -6.72 14.57 -47.16
C ARG A 115 -7.52 13.64 -48.06
N PRO A 116 -7.53 12.34 -47.79
CA PRO A 116 -8.04 11.36 -48.75
C PRO A 116 -9.56 11.32 -48.89
N THR A 117 -10.30 12.18 -48.21
CA THR A 117 -11.75 12.25 -48.35
C THR A 117 -12.12 13.55 -49.05
N TRP A 118 -12.98 13.43 -50.07
CA TRP A 118 -13.52 14.60 -50.74
C TRP A 118 -14.41 15.40 -49.79
N ALA A 119 -14.50 16.70 -50.03
CA ALA A 119 -15.31 17.70 -49.32
C ALA A 119 -14.71 18.13 -47.98
N ARG A 120 -13.47 17.72 -47.66
CA ARG A 120 -12.75 18.25 -46.51
C ARG A 120 -11.63 19.18 -46.95
N ASN A 121 -11.71 19.69 -48.18
CA ASN A 121 -10.59 20.39 -48.81
C ASN A 121 -10.89 21.86 -49.00
N TRP A 122 -11.59 22.49 -48.07
CA TRP A 122 -11.83 23.92 -48.14
C TRP A 122 -10.50 24.66 -48.10
N LYS A 123 -10.50 25.93 -48.52
CA LYS A 123 -9.30 26.72 -48.72
C LYS A 123 -8.35 26.61 -47.53
N PRO A 124 -7.03 26.59 -47.77
CA PRO A 124 -6.38 26.71 -49.08
C PRO A 124 -6.16 25.38 -49.82
N LYS A 125 -6.84 24.31 -49.38
CA LYS A 125 -6.65 23.00 -49.96
C LYS A 125 -7.59 22.74 -51.14
N ASP A 126 -8.18 23.78 -51.72
CA ASP A 126 -9.01 23.59 -52.89
C ASP A 126 -8.22 23.26 -54.14
N VAL A 127 -6.89 23.47 -54.12
CA VAL A 127 -6.06 23.20 -55.28
C VAL A 127 -6.22 21.77 -55.74
N TYR A 128 -6.14 20.81 -54.82
CA TYR A 128 -6.22 19.40 -55.18
C TYR A 128 -7.55 19.04 -55.80
N LYS A 129 -8.50 19.97 -55.86
CA LYS A 129 -9.72 19.76 -56.62
C LYS A 129 -9.68 20.47 -57.97
N ASN A 130 -9.17 21.71 -58.01
CA ASN A 130 -8.92 22.41 -59.26
C ASN A 130 -8.27 21.48 -60.29
N ARG A 131 -7.05 21.01 -59.97
CA ARG A 131 -6.36 20.09 -60.85
C ARG A 131 -7.20 18.85 -61.09
N SER A 132 -7.84 18.32 -60.03
CA SER A 132 -8.64 17.12 -60.17
C SER A 132 -9.76 17.28 -61.18
N ILE A 133 -10.17 18.51 -61.47
CA ILE A 133 -11.12 18.72 -62.56
C ILE A 133 -10.39 18.82 -63.90
N GLU A 134 -9.37 19.69 -63.99
CA GLU A 134 -8.84 20.04 -65.30
C GLU A 134 -8.19 18.84 -65.99
N LEU A 135 -7.58 17.95 -65.20
CA LEU A 135 -7.02 16.74 -65.78
C LEU A 135 -8.06 16.00 -66.59
N VAL A 136 -9.26 15.86 -66.03
CA VAL A 136 -10.33 15.17 -66.76
C VAL A 136 -10.63 15.88 -68.07
N GLN A 137 -10.62 17.22 -68.05
CA GLN A 137 -10.85 17.97 -69.28
C GLN A 137 -9.76 17.67 -70.31
N GLN A 138 -8.52 17.48 -69.86
CA GLN A 138 -7.46 17.16 -70.80
C GLN A 138 -7.57 15.74 -71.34
N GLN A 139 -8.47 14.93 -70.79
CA GLN A 139 -8.72 13.60 -71.34
C GLN A 139 -10.00 13.51 -72.16
N ASN A 140 -11.04 14.25 -71.79
CA ASN A 140 -12.29 14.28 -72.54
C ASN A 140 -12.81 15.70 -72.57
N VAL A 141 -13.32 16.13 -73.73
CA VAL A 141 -13.90 17.47 -73.87
C VAL A 141 -15.41 17.44 -73.96
N GLN A 142 -16.03 16.26 -74.02
CA GLN A 142 -17.48 16.19 -74.07
C GLN A 142 -18.11 16.70 -72.79
N LEU A 143 -17.52 16.36 -71.64
CA LEU A 143 -18.13 16.63 -70.35
C LEU A 143 -17.99 18.10 -69.97
N SER A 144 -19.04 18.65 -69.37
CA SER A 144 -19.05 20.05 -68.95
C SER A 144 -18.33 20.18 -67.61
N LEU A 145 -18.44 21.37 -66.99
CA LEU A 145 -17.76 21.58 -65.71
C LEU A 145 -18.38 20.75 -64.60
N THR A 146 -19.71 20.60 -64.60
CA THR A 146 -20.37 19.81 -63.57
C THR A 146 -19.91 18.36 -63.61
N GLU A 147 -19.94 17.76 -64.80
CA GLU A 147 -19.52 16.37 -64.94
C GLU A 147 -18.03 16.21 -64.62
N ALA A 148 -17.22 17.16 -65.04
CA ALA A 148 -15.78 17.07 -64.78
C ALA A 148 -15.49 17.14 -63.28
N THR A 149 -16.17 18.05 -62.57
CA THR A 149 -16.00 18.11 -61.13
C THR A 149 -16.51 16.84 -60.46
N GLU A 150 -17.61 16.28 -60.96
CA GLU A 150 -18.13 15.04 -60.39
C GLU A 150 -17.13 13.91 -60.53
N LYS A 151 -16.54 13.77 -61.71
CA LYS A 151 -15.57 12.70 -61.93
C LYS A 151 -14.22 13.00 -61.30
N ALA A 152 -13.98 14.25 -60.90
CA ALA A 152 -12.77 14.56 -60.15
C ALA A 152 -12.71 13.77 -58.85
N LYS A 153 -13.84 13.65 -58.15
CA LYS A 153 -13.84 12.97 -56.86
C LYS A 153 -13.53 11.49 -57.00
N GLN A 154 -13.71 10.94 -58.19
CA GLN A 154 -13.42 9.53 -58.44
C GLN A 154 -12.04 9.34 -59.06
N GLU A 155 -11.17 10.35 -58.98
CA GLU A 155 -9.77 10.18 -59.30
C GLU A 155 -8.88 10.83 -58.23
N PHE A 156 -9.43 11.01 -57.03
CA PHE A 156 -8.65 11.44 -55.88
C PHE A 156 -8.89 10.57 -54.65
N GLU A 157 -10.11 10.10 -54.43
CA GLU A 157 -10.40 9.21 -53.30
C GLU A 157 -9.74 7.86 -53.52
N LYS A 158 -10.07 7.20 -54.63
CA LYS A 158 -9.46 5.92 -54.95
C LYS A 158 -7.96 6.04 -55.02
N ALA A 159 -7.46 7.10 -55.66
CA ALA A 159 -6.02 7.28 -55.79
C ALA A 159 -5.35 7.37 -54.41
N GLY A 160 -5.85 8.26 -53.54
CA GLY A 160 -5.20 8.45 -52.25
C GLY A 160 -5.30 7.25 -51.34
N LYS A 161 -6.45 6.57 -51.35
CA LYS A 161 -6.62 5.44 -50.45
C LYS A 161 -5.79 4.24 -50.92
N ASP A 162 -5.70 4.02 -52.23
CA ASP A 162 -4.81 2.98 -52.74
C ASP A 162 -3.36 3.37 -52.52
N PHE A 163 -3.07 4.66 -52.41
CA PHE A 163 -1.73 5.09 -52.03
C PHE A 163 -1.40 4.66 -50.61
N LEU A 164 -2.22 5.10 -49.64
CA LEU A 164 -1.84 4.96 -48.24
C LEU A 164 -2.01 3.54 -47.72
N VAL A 165 -3.04 2.81 -48.17
CA VAL A 165 -3.21 1.42 -47.73
C VAL A 165 -1.98 0.60 -48.09
N GLU A 166 -1.47 0.79 -49.30
CA GLU A 166 -0.29 0.04 -49.72
C GLU A 166 0.98 0.53 -49.02
N THR A 167 1.12 1.85 -48.82
CA THR A 167 2.28 2.33 -48.07
C THR A 167 2.29 1.81 -46.64
N ILE A 168 1.14 1.51 -46.06
CA ILE A 168 1.12 0.82 -44.77
C ILE A 168 1.47 -0.65 -44.94
N LYS A 169 0.79 -1.34 -45.86
CA LYS A 169 0.91 -2.80 -45.94
C LYS A 169 2.28 -3.25 -46.42
N LEU A 170 3.09 -2.33 -46.96
CA LEU A 170 4.51 -2.65 -47.04
C LEU A 170 5.19 -2.45 -45.69
N GLY A 171 4.47 -2.04 -44.66
CA GLY A 171 5.07 -1.92 -43.35
C GLY A 171 4.55 -2.92 -42.34
N LYS A 172 3.27 -3.25 -42.43
CA LYS A 172 2.63 -4.05 -41.37
C LYS A 172 3.06 -5.51 -41.43
N LEU A 173 3.14 -6.09 -42.63
CA LEU A 173 3.51 -7.48 -42.78
C LEU A 173 5.02 -7.69 -42.90
N LEU A 174 5.80 -6.61 -42.98
CA LEU A 174 7.23 -6.75 -43.20
C LEU A 174 8.00 -6.82 -41.88
N ARG A 175 7.85 -5.79 -41.04
CA ARG A 175 8.57 -5.68 -39.77
C ARG A 175 7.56 -5.43 -38.67
N PRO A 176 6.76 -6.46 -38.32
CA PRO A 176 5.55 -6.21 -37.53
C PRO A 176 5.80 -5.96 -36.05
N ASN A 177 7.04 -6.06 -35.58
CA ASN A 177 7.35 -5.74 -34.19
C ASN A 177 7.28 -4.25 -33.91
N HIS A 178 7.15 -3.43 -34.95
CA HIS A 178 6.92 -2.00 -34.78
C HIS A 178 5.44 -1.66 -34.85
N LEU A 179 5.12 -0.43 -34.47
CA LEU A 179 3.75 0.08 -34.44
C LEU A 179 3.59 1.14 -35.53
N TRP A 180 2.82 0.81 -36.56
CA TRP A 180 2.65 1.69 -37.72
C TRP A 180 1.40 2.54 -37.55
N GLY A 181 1.48 3.77 -38.03
CA GLY A 181 0.34 4.66 -37.98
C GLY A 181 0.61 5.95 -38.73
N TYR A 182 -0.48 6.56 -39.17
CA TYR A 182 -0.41 7.87 -39.79
C TYR A 182 -0.66 8.97 -38.77
N TYR A 183 -0.07 10.12 -39.02
CA TYR A 183 -0.14 11.24 -38.09
C TYR A 183 -1.45 12.01 -38.28
N LEU A 184 -2.09 12.36 -37.15
CA LEU A 184 -3.29 13.20 -37.14
C LEU A 184 -4.45 12.55 -37.87
N PHE A 185 -4.84 11.36 -37.42
CA PHE A 185 -6.03 10.67 -37.94
C PHE A 185 -6.66 9.90 -36.79
N PRO A 186 -7.88 10.23 -36.36
CA PRO A 186 -8.84 11.14 -37.00
C PRO A 186 -8.76 12.59 -36.55
N ASP A 187 -9.71 13.32 -37.02
CA ASP A 187 -9.91 14.67 -36.71
C ASP A 187 -11.39 14.84 -36.65
N CYS A 188 -11.77 15.86 -35.90
CA CYS A 188 -13.17 16.21 -35.66
C CYS A 188 -13.66 17.58 -36.14
N TYR A 189 -12.75 18.52 -36.13
CA TYR A 189 -12.85 19.87 -36.57
C TYR A 189 -13.49 20.84 -35.63
N ASN A 190 -12.73 21.33 -34.64
CA ASN A 190 -13.28 22.33 -33.73
C ASN A 190 -12.62 23.68 -34.01
N HIS A 191 -13.28 24.50 -34.83
CA HIS A 191 -12.77 25.82 -35.17
C HIS A 191 -13.74 26.92 -34.78
N HIS A 192 -14.87 26.59 -34.16
CA HIS A 192 -15.88 27.57 -33.79
C HIS A 192 -15.83 27.94 -32.31
N TYR A 193 -14.64 28.02 -31.72
CA TYR A 193 -14.53 28.27 -30.28
C TYR A 193 -14.54 29.74 -29.92
N LYS A 194 -14.75 30.65 -30.88
CA LYS A 194 -14.84 32.06 -30.58
C LYS A 194 -16.27 32.59 -30.60
N LYS A 195 -17.15 31.97 -31.39
CA LYS A 195 -18.51 32.45 -31.48
C LYS A 195 -19.27 32.22 -30.17
N PRO A 196 -20.31 33.00 -29.91
CA PRO A 196 -21.02 32.87 -28.64
C PRO A 196 -21.70 31.51 -28.51
N GLY A 197 -21.88 31.10 -27.26
CA GLY A 197 -22.51 29.83 -26.98
C GLY A 197 -21.70 28.65 -27.47
N TYR A 198 -20.39 28.66 -27.20
CA TYR A 198 -19.48 27.66 -27.74
C TYR A 198 -19.42 26.42 -26.86
N ASN A 199 -19.61 25.27 -27.48
CA ASN A 199 -19.32 23.98 -26.87
C ASN A 199 -18.53 23.20 -27.91
N GLY A 200 -17.39 22.65 -27.51
CA GLY A 200 -16.48 22.02 -28.44
C GLY A 200 -17.06 20.81 -29.15
N SER A 201 -18.22 20.36 -28.69
CA SER A 201 -18.88 19.18 -29.24
C SER A 201 -18.85 19.18 -30.76
N CYS A 202 -18.15 18.19 -31.30
CA CYS A 202 -17.84 18.06 -32.71
C CYS A 202 -19.13 18.10 -33.41
N PHE A 203 -19.20 18.75 -34.54
CA PHE A 203 -20.44 18.84 -35.28
C PHE A 203 -20.82 17.55 -35.90
N ASN A 204 -22.04 17.35 -36.25
CA ASN A 204 -22.50 16.05 -36.72
C ASN A 204 -21.86 15.43 -37.92
N VAL A 205 -21.59 16.27 -38.92
CA VAL A 205 -21.07 15.89 -40.23
C VAL A 205 -19.63 15.40 -40.13
N GLU A 206 -18.82 16.01 -39.24
CA GLU A 206 -17.44 15.57 -39.08
C GLU A 206 -17.39 14.16 -38.49
N ILE A 207 -18.25 13.88 -37.51
CA ILE A 207 -18.36 12.54 -36.97
C ILE A 207 -18.77 11.57 -38.07
N LYS A 208 -19.70 11.98 -38.93
CA LYS A 208 -20.10 11.13 -40.05
C LYS A 208 -18.91 10.85 -40.97
N ARG A 209 -18.09 11.88 -41.23
CA ARG A 209 -16.92 11.70 -42.08
C ARG A 209 -15.96 10.67 -41.51
N ASN A 210 -15.56 10.84 -40.23
CA ASN A 210 -14.60 9.90 -39.66
C ASN A 210 -15.21 8.52 -39.47
N ASP A 211 -16.53 8.44 -39.27
CA ASP A 211 -17.20 7.15 -39.23
C ASP A 211 -17.12 6.45 -40.58
N ASP A 212 -17.26 7.21 -41.66
CA ASP A 212 -17.18 6.63 -43.00
C ASP A 212 -15.77 6.64 -43.57
N LEU A 213 -14.78 7.16 -42.84
CA LEU A 213 -13.38 6.94 -43.13
C LEU A 213 -12.89 5.59 -42.57
N SER A 214 -13.83 4.66 -42.34
CA SER A 214 -13.56 3.46 -41.55
C SER A 214 -12.56 2.53 -42.23
N TRP A 215 -12.31 2.69 -43.53
CA TRP A 215 -11.42 1.77 -44.21
C TRP A 215 -9.98 1.88 -43.69
N LEU A 216 -9.55 3.05 -43.23
CA LEU A 216 -8.15 3.20 -42.82
C LEU A 216 -7.88 2.57 -41.47
N TRP A 217 -8.83 2.71 -40.53
CA TRP A 217 -8.58 2.19 -39.19
C TRP A 217 -8.35 0.69 -39.22
N ASN A 218 -8.90 0.00 -40.20
CA ASN A 218 -8.67 -1.42 -40.35
C ASN A 218 -7.25 -1.74 -40.82
N GLU A 219 -6.39 -0.74 -41.00
CA GLU A 219 -5.05 -0.98 -41.50
C GLU A 219 -3.97 -0.68 -40.48
N SER A 220 -3.93 0.54 -39.94
CA SER A 220 -2.88 0.89 -38.98
C SER A 220 -3.09 0.20 -37.64
N THR A 221 -2.02 0.15 -36.87
CA THR A 221 -2.05 -0.46 -35.54
C THR A 221 -2.34 0.55 -34.45
N ALA A 222 -1.71 1.72 -34.49
CA ALA A 222 -1.85 2.73 -33.45
C ALA A 222 -2.41 4.02 -34.06
N LEU A 223 -3.08 4.81 -33.23
CA LEU A 223 -3.62 6.10 -33.63
C LEU A 223 -2.82 7.21 -32.98
N TYR A 224 -2.82 8.37 -33.62
CA TYR A 224 -1.99 9.49 -33.18
C TYR A 224 -2.72 10.80 -33.46
N PRO A 225 -3.77 11.10 -32.70
CA PRO A 225 -4.43 12.39 -32.82
C PRO A 225 -3.65 13.48 -32.10
N SER A 226 -3.99 14.71 -32.42
CA SER A 226 -3.32 15.89 -31.89
C SER A 226 -4.22 16.60 -30.89
N ILE A 227 -3.66 16.92 -29.71
CA ILE A 227 -4.38 17.61 -28.66
C ILE A 227 -3.71 18.93 -28.37
N TYR A 228 -3.18 19.57 -29.41
CA TYR A 228 -2.52 20.86 -29.34
C TYR A 228 -3.40 21.95 -28.74
N LEU A 229 -2.78 23.05 -28.29
CA LEU A 229 -3.49 24.18 -27.70
C LEU A 229 -2.96 25.49 -28.24
N ASN A 230 -3.81 26.51 -28.18
CA ASN A 230 -3.46 27.88 -28.53
C ASN A 230 -4.02 28.82 -27.48
N THR A 231 -3.47 30.03 -27.43
CA THR A 231 -3.78 30.98 -26.37
C THR A 231 -4.94 31.90 -26.73
N GLN A 232 -5.87 31.45 -27.57
CA GLN A 232 -7.07 32.21 -27.88
C GLN A 232 -8.30 31.65 -27.17
N GLN A 233 -8.14 30.64 -26.33
CA GLN A 233 -9.25 29.96 -25.68
C GLN A 233 -9.32 30.33 -24.20
N SER A 234 -10.42 29.95 -23.59
CA SER A 234 -10.66 30.09 -22.17
C SER A 234 -10.60 28.73 -21.49
N PRO A 235 -10.44 28.69 -20.15
CA PRO A 235 -10.41 27.42 -19.44
C PRO A 235 -11.50 26.44 -19.83
N VAL A 236 -12.77 26.86 -19.76
CA VAL A 236 -13.87 25.97 -20.09
C VAL A 236 -13.79 25.56 -21.56
N ALA A 237 -13.49 26.51 -22.44
CA ALA A 237 -13.38 26.20 -23.87
C ALA A 237 -12.29 25.19 -24.13
N ALA A 238 -11.12 25.36 -23.50
CA ALA A 238 -10.03 24.41 -23.69
C ALA A 238 -10.40 23.04 -23.15
N THR A 239 -11.03 22.98 -21.98
CA THR A 239 -11.42 21.70 -21.43
C THR A 239 -12.38 20.97 -22.37
N LEU A 240 -13.40 21.67 -22.88
CA LEU A 240 -14.37 21.02 -23.75
C LEU A 240 -13.73 20.59 -25.06
N TYR A 241 -12.84 21.42 -25.61
CA TYR A 241 -12.14 21.11 -26.84
C TYR A 241 -11.32 19.83 -26.71
N VAL A 242 -10.46 19.77 -25.70
CA VAL A 242 -9.63 18.59 -25.49
C VAL A 242 -10.49 17.38 -25.18
N ARG A 243 -11.50 17.56 -24.33
CA ARG A 243 -12.37 16.46 -23.94
C ARG A 243 -12.99 15.81 -25.16
N ASN A 244 -13.57 16.61 -26.06
CA ASN A 244 -14.26 16.04 -27.21
C ASN A 244 -13.29 15.46 -28.23
N ARG A 245 -12.14 16.11 -28.44
CA ARG A 245 -11.14 15.53 -29.34
C ARG A 245 -10.74 14.13 -28.88
N VAL A 246 -10.37 14.00 -27.61
CA VAL A 246 -9.91 12.70 -27.12
C VAL A 246 -11.06 11.70 -27.10
N ARG A 247 -12.27 12.16 -26.78
CA ARG A 247 -13.39 11.23 -26.74
C ARG A 247 -13.69 10.67 -28.13
N GLU A 248 -13.59 11.50 -29.17
CA GLU A 248 -13.72 10.99 -30.53
C GLU A 248 -12.58 10.04 -30.88
N ALA A 249 -11.35 10.40 -30.49
CA ALA A 249 -10.21 9.54 -30.75
C ALA A 249 -10.38 8.17 -30.12
N ILE A 250 -11.11 8.11 -29.00
CA ILE A 250 -11.37 6.83 -28.36
C ILE A 250 -12.58 6.12 -28.96
N ARG A 251 -13.57 6.86 -29.46
CA ARG A 251 -14.71 6.21 -30.11
C ARG A 251 -14.34 5.60 -31.45
N VAL A 252 -13.40 6.19 -32.20
CA VAL A 252 -13.02 5.62 -33.49
C VAL A 252 -12.27 4.30 -33.34
N SER A 253 -11.87 3.95 -32.11
CA SER A 253 -11.13 2.72 -31.86
C SER A 253 -12.03 1.52 -31.61
N LYS A 254 -13.35 1.71 -31.60
CA LYS A 254 -14.24 0.56 -31.45
C LYS A 254 -14.35 -0.25 -32.73
N ILE A 255 -14.14 0.37 -33.88
CA ILE A 255 -14.48 -0.23 -35.17
C ILE A 255 -13.53 -1.34 -35.59
N PRO A 256 -12.21 -1.12 -35.67
CA PRO A 256 -11.33 -2.19 -36.18
C PRO A 256 -11.40 -3.48 -35.38
N ASP A 257 -11.74 -3.39 -34.09
CA ASP A 257 -11.99 -4.57 -33.27
C ASP A 257 -12.79 -4.13 -32.05
N ALA A 258 -13.87 -4.87 -31.76
CA ALA A 258 -14.81 -4.47 -30.72
C ALA A 258 -14.54 -5.11 -29.37
N LYS A 259 -13.43 -5.84 -29.23
CA LYS A 259 -13.09 -6.50 -27.98
C LYS A 259 -11.76 -6.03 -27.41
N SER A 260 -10.76 -5.79 -28.26
CA SER A 260 -9.43 -5.35 -27.84
C SER A 260 -9.06 -4.09 -28.60
N PRO A 261 -9.68 -2.95 -28.28
CA PRO A 261 -9.46 -1.74 -29.08
C PRO A 261 -8.01 -1.30 -29.13
N LEU A 262 -7.72 -0.39 -30.04
CA LEU A 262 -6.36 -0.10 -30.45
C LEU A 262 -5.62 0.66 -29.35
N PRO A 263 -4.32 0.86 -29.51
CA PRO A 263 -3.61 1.81 -28.64
C PRO A 263 -3.65 3.22 -29.19
N VAL A 264 -4.02 4.15 -28.33
CA VAL A 264 -4.10 5.57 -28.67
C VAL A 264 -2.96 6.27 -27.97
N PHE A 265 -2.00 6.77 -28.74
CA PHE A 265 -0.85 7.50 -28.22
C PHE A 265 -1.07 8.96 -28.56
N ALA A 266 -1.61 9.70 -27.61
CA ALA A 266 -1.98 11.09 -27.85
C ALA A 266 -0.76 11.93 -28.21
N TYR A 267 -0.73 12.44 -29.44
CA TYR A 267 0.35 13.30 -29.89
C TYR A 267 0.13 14.70 -29.34
N THR A 268 0.97 15.12 -28.41
CA THR A 268 0.78 16.37 -27.73
C THR A 268 2.03 17.24 -27.83
N ARG A 269 1.87 18.50 -27.42
CA ARG A 269 2.94 19.46 -27.38
C ARG A 269 2.92 20.18 -26.05
N ILE A 270 4.10 20.53 -25.57
CA ILE A 270 4.24 21.29 -24.34
C ILE A 270 4.40 22.78 -24.62
N VAL A 271 4.11 23.21 -25.85
CA VAL A 271 4.23 24.60 -26.25
C VAL A 271 2.96 25.00 -26.98
N PHE A 272 2.54 26.25 -26.79
CA PHE A 272 1.34 26.73 -27.47
C PHE A 272 1.58 26.81 -28.96
N THR A 273 0.57 26.39 -29.74
CA THR A 273 0.72 26.40 -31.20
C THR A 273 0.57 27.79 -31.79
N ASP A 274 0.15 28.78 -31.02
CA ASP A 274 0.16 30.16 -31.48
C ASP A 274 1.44 30.87 -31.09
N GLN A 275 1.88 30.73 -29.84
CA GLN A 275 3.16 31.23 -29.35
C GLN A 275 4.03 30.02 -29.05
N VAL A 276 5.10 29.85 -29.82
CA VAL A 276 5.85 28.60 -29.82
C VAL A 276 7.05 28.70 -28.89
N LEU A 277 6.98 29.58 -27.91
CA LEU A 277 8.02 29.72 -26.90
C LEU A 277 7.50 29.69 -25.48
N LYS A 278 6.19 29.74 -25.27
CA LYS A 278 5.59 29.82 -23.94
C LYS A 278 5.03 28.46 -23.58
N PHE A 279 5.60 27.83 -22.55
CA PHE A 279 5.21 26.50 -22.16
C PHE A 279 3.80 26.50 -21.56
N LEU A 280 3.36 25.31 -21.15
CA LEU A 280 2.10 25.17 -20.46
C LEU A 280 2.32 25.13 -18.95
N SER A 281 1.60 25.99 -18.23
CA SER A 281 1.62 25.91 -16.78
C SER A 281 0.91 24.63 -16.33
N GLN A 282 0.88 24.40 -15.02
CA GLN A 282 0.37 23.13 -14.53
C GLN A 282 -1.13 23.00 -14.76
N ASP A 283 -1.88 24.10 -14.64
CA ASP A 283 -3.32 24.02 -14.84
C ASP A 283 -3.66 23.69 -16.29
N GLU A 284 -2.88 24.20 -17.25
CA GLU A 284 -3.06 23.80 -18.64
C GLU A 284 -2.68 22.34 -18.83
N LEU A 285 -1.61 21.89 -18.18
CA LEU A 285 -1.27 20.48 -18.23
C LEU A 285 -2.38 19.61 -17.66
N VAL A 286 -3.18 20.13 -16.74
CA VAL A 286 -4.31 19.35 -16.24
C VAL A 286 -5.27 19.02 -17.37
N TYR A 287 -5.89 20.03 -17.98
CA TYR A 287 -6.87 19.74 -19.02
C TYR A 287 -6.22 19.44 -20.36
N THR A 288 -4.91 19.22 -20.40
CA THR A 288 -4.28 18.59 -21.56
C THR A 288 -3.96 17.12 -21.34
N PHE A 289 -3.22 16.79 -20.27
CA PHE A 289 -2.84 15.41 -20.00
C PHE A 289 -3.79 14.68 -19.08
N GLY A 290 -4.26 15.31 -18.00
CA GLY A 290 -5.14 14.62 -17.07
C GLY A 290 -6.47 14.25 -17.68
N GLU A 291 -6.96 15.08 -18.60
CA GLU A 291 -8.15 14.71 -19.36
C GLU A 291 -7.89 13.55 -20.31
N THR A 292 -6.63 13.17 -20.51
CA THR A 292 -6.24 12.03 -21.34
C THR A 292 -6.01 10.79 -20.48
N VAL A 293 -5.33 10.95 -19.35
CA VAL A 293 -5.14 9.85 -18.41
C VAL A 293 -6.48 9.35 -17.90
N ALA A 294 -7.47 10.23 -17.80
CA ALA A 294 -8.74 9.92 -17.18
C ALA A 294 -9.82 9.56 -18.18
N LEU A 295 -9.46 9.26 -19.42
CA LEU A 295 -10.45 8.84 -20.41
C LEU A 295 -10.09 7.54 -21.11
N GLY A 296 -8.92 6.95 -20.86
CA GLY A 296 -8.64 5.61 -21.32
C GLY A 296 -7.53 5.48 -22.34
N ALA A 297 -6.81 6.54 -22.66
CA ALA A 297 -5.78 6.46 -23.67
C ALA A 297 -4.64 5.55 -23.22
N SER A 298 -3.98 4.91 -24.18
CA SER A 298 -2.88 4.02 -23.89
C SER A 298 -1.57 4.74 -23.58
N GLY A 299 -1.47 6.02 -23.85
CA GLY A 299 -0.25 6.75 -23.53
C GLY A 299 -0.19 8.08 -24.25
N ILE A 300 0.93 8.76 -24.02
CA ILE A 300 1.14 10.10 -24.54
C ILE A 300 2.50 10.17 -25.21
N VAL A 301 2.55 10.76 -26.40
CA VAL A 301 3.78 10.99 -27.13
C VAL A 301 3.95 12.48 -27.34
N ILE A 302 4.99 13.08 -26.87
CA ILE A 302 5.26 14.46 -26.99
C ILE A 302 6.08 14.67 -28.22
N TRP A 303 6.05 15.87 -28.77
CA TRP A 303 6.67 16.21 -30.00
C TRP A 303 7.33 17.54 -29.88
N GLY A 304 8.41 17.74 -30.62
CA GLY A 304 9.11 19.02 -30.56
C GLY A 304 9.63 19.50 -31.90
N THR A 305 10.49 20.51 -31.85
CA THR A 305 11.08 21.07 -33.01
C THR A 305 12.54 21.27 -32.68
N LEU A 306 13.13 22.32 -33.21
CA LEU A 306 14.51 22.68 -32.92
C LEU A 306 14.38 24.11 -32.46
N SER A 307 13.16 24.61 -32.45
CA SER A 307 12.89 25.98 -32.04
C SER A 307 13.20 26.21 -30.56
N ILE A 308 13.00 25.18 -29.73
CA ILE A 308 13.27 25.28 -28.30
C ILE A 308 14.35 24.28 -27.86
N MET A 309 15.09 23.71 -28.83
CA MET A 309 16.10 22.72 -28.49
C MET A 309 17.40 22.93 -29.26
N ARG A 310 17.68 24.14 -29.72
CA ARG A 310 18.93 24.44 -30.42
C ARG A 310 19.89 25.27 -29.58
N SER A 311 19.45 26.41 -29.07
CA SER A 311 20.31 27.25 -28.25
C SER A 311 20.54 26.64 -26.88
N MET A 312 21.66 27.01 -26.25
CA MET A 312 21.96 26.49 -24.92
C MET A 312 21.01 27.05 -23.86
N LYS A 313 20.59 28.31 -24.03
CA LYS A 313 19.57 28.85 -23.14
C LYS A 313 18.27 28.06 -23.23
N SER A 314 17.94 27.60 -24.43
CA SER A 314 16.79 26.71 -24.60
C SER A 314 16.99 25.41 -23.84
N CYS A 315 18.20 24.86 -23.88
CA CYS A 315 18.48 23.64 -23.13
C CYS A 315 18.29 23.85 -21.64
N LEU A 316 18.78 24.98 -21.12
CA LEU A 316 18.61 25.28 -19.70
C LEU A 316 17.13 25.43 -19.33
N LEU A 317 16.36 26.14 -20.17
CA LEU A 317 14.95 26.35 -19.85
C LEU A 317 14.16 25.05 -19.89
N LEU A 318 14.43 24.19 -20.87
CA LEU A 318 13.78 22.89 -20.90
C LEU A 318 14.22 22.01 -19.73
N ASP A 319 15.48 22.12 -19.32
CA ASP A 319 15.93 21.39 -18.14
C ASP A 319 15.16 21.83 -16.90
N ASN A 320 14.97 23.14 -16.73
CA ASN A 320 14.18 23.64 -15.61
C ASN A 320 12.74 23.14 -15.69
N TYR A 321 12.16 23.16 -16.88
CA TYR A 321 10.79 22.69 -17.03
C TYR A 321 10.67 21.23 -16.66
N MET A 322 11.65 20.42 -17.06
CA MET A 322 11.62 19.01 -16.72
C MET A 322 11.75 18.80 -15.21
N GLU A 323 12.65 19.55 -14.58
CA GLU A 323 12.96 19.31 -13.18
C GLU A 323 12.03 20.04 -12.22
N THR A 324 11.10 20.86 -12.71
CA THR A 324 10.19 21.59 -11.84
C THR A 324 8.72 21.28 -12.06
N ILE A 325 8.27 21.02 -13.30
CA ILE A 325 6.86 20.98 -13.63
C ILE A 325 6.46 19.65 -14.28
N LEU A 326 7.20 19.22 -15.30
CA LEU A 326 6.75 18.09 -16.11
C LEU A 326 6.96 16.76 -15.40
N ASN A 327 8.18 16.46 -14.97
CA ASN A 327 8.45 15.18 -14.32
C ASN A 327 7.64 14.96 -13.05
N PRO A 328 7.54 15.93 -12.13
CA PRO A 328 6.66 15.71 -10.98
C PRO A 328 5.24 15.39 -11.38
N TYR A 329 4.70 16.07 -12.39
CA TYR A 329 3.35 15.78 -12.82
C TYR A 329 3.25 14.41 -13.45
N ILE A 330 4.29 13.98 -14.16
CA ILE A 330 4.29 12.66 -14.77
C ILE A 330 4.20 11.59 -13.70
N ILE A 331 5.02 11.71 -12.66
CA ILE A 331 4.95 10.74 -11.57
C ILE A 331 3.61 10.83 -10.86
N ASN A 332 3.11 12.05 -10.64
CA ASN A 332 1.81 12.28 -10.04
C ASN A 332 0.73 11.46 -10.74
N VAL A 333 0.55 11.69 -12.03
CA VAL A 333 -0.54 11.02 -12.75
C VAL A 333 -0.27 9.52 -12.90
N THR A 334 0.97 9.12 -13.19
CA THR A 334 1.26 7.70 -13.38
C THR A 334 1.03 6.92 -12.11
N LEU A 335 1.48 7.45 -10.98
CA LEU A 335 1.28 6.74 -9.72
C LEU A 335 -0.19 6.73 -9.32
N ALA A 336 -0.91 7.81 -9.61
CA ALA A 336 -2.34 7.79 -9.38
C ALA A 336 -3.01 6.69 -10.19
N ALA A 337 -2.62 6.54 -11.45
CA ALA A 337 -3.24 5.53 -12.31
C ALA A 337 -2.88 4.12 -11.86
N LYS A 338 -1.61 3.88 -11.54
CA LYS A 338 -1.19 2.55 -11.08
C LYS A 338 -1.85 2.19 -9.75
N MET A 339 -1.98 3.16 -8.84
CA MET A 339 -2.69 2.92 -7.60
C MET A 339 -4.16 2.59 -7.86
N CYS A 340 -4.81 3.36 -8.74
CA CYS A 340 -6.18 3.05 -9.13
C CYS A 340 -6.29 1.60 -9.58
N SER A 341 -5.42 1.21 -10.51
CA SER A 341 -5.45 -0.16 -11.02
C SER A 341 -5.28 -1.17 -9.90
N GLN A 342 -4.15 -1.12 -9.21
CA GLN A 342 -3.79 -2.17 -8.25
C GLN A 342 -4.81 -2.26 -7.12
N VAL A 343 -5.30 -1.13 -6.62
CA VAL A 343 -6.21 -1.17 -5.49
C VAL A 343 -7.64 -1.45 -5.94
N LEU A 344 -8.22 -0.56 -6.76
CA LEU A 344 -9.64 -0.65 -7.04
C LEU A 344 -9.99 -1.68 -8.12
N CYS A 345 -9.04 -2.17 -8.90
CA CYS A 345 -9.36 -3.19 -9.89
C CYS A 345 -8.63 -4.53 -9.77
N GLN A 346 -7.63 -4.66 -8.92
CA GLN A 346 -6.75 -5.82 -8.86
C GLN A 346 -5.89 -5.94 -10.11
N GLU A 347 -5.66 -4.83 -10.80
CA GLU A 347 -4.96 -4.79 -12.07
C GLU A 347 -5.66 -5.63 -13.13
N GLN A 348 -6.95 -5.35 -13.33
CA GLN A 348 -7.66 -5.80 -14.52
C GLN A 348 -7.56 -4.79 -15.66
N GLY A 349 -7.02 -3.60 -15.41
CA GLY A 349 -6.91 -2.59 -16.44
C GLY A 349 -6.62 -1.20 -15.89
N VAL A 350 -7.21 -0.18 -16.51
CA VAL A 350 -7.08 1.20 -16.07
C VAL A 350 -8.48 1.79 -15.93
N CYS A 351 -8.64 2.66 -14.93
CA CYS A 351 -9.95 3.18 -14.55
C CYS A 351 -10.33 4.41 -15.35
N ILE A 352 -11.63 4.54 -15.64
CA ILE A 352 -12.18 5.55 -16.54
C ILE A 352 -13.38 6.21 -15.89
N ARG A 353 -13.48 7.54 -16.03
CA ARG A 353 -14.39 8.36 -15.25
C ARG A 353 -15.84 7.99 -15.51
N LYS A 354 -16.71 8.40 -14.57
CA LYS A 354 -18.12 8.02 -14.63
C LYS A 354 -18.89 8.91 -15.58
N ASN A 355 -18.92 10.20 -15.30
CA ASN A 355 -19.48 11.20 -16.20
C ASN A 355 -18.34 12.09 -16.69
N TRP A 356 -18.15 12.13 -18.02
CA TRP A 356 -17.00 12.83 -18.57
C TRP A 356 -17.19 14.34 -18.55
N ASN A 357 -18.43 14.81 -18.59
CA ASN A 357 -18.72 16.25 -18.54
C ASN A 357 -18.57 16.74 -17.11
N SER A 358 -17.33 16.67 -16.63
CA SER A 358 -17.04 16.95 -15.23
C SER A 358 -15.53 17.14 -15.10
N SER A 359 -15.13 17.81 -14.02
CA SER A 359 -13.73 18.15 -13.81
C SER A 359 -13.06 17.27 -12.76
N ASP A 360 -13.46 16.00 -12.70
CA ASP A 360 -12.79 15.03 -11.86
C ASP A 360 -11.49 14.58 -12.52
N TYR A 361 -10.50 14.25 -11.69
CA TYR A 361 -9.19 13.89 -12.20
C TYR A 361 -8.58 12.78 -11.35
N LEU A 362 -7.43 12.28 -11.81
CA LEU A 362 -6.65 11.24 -11.14
C LEU A 362 -5.38 11.88 -10.59
N HIS A 363 -5.45 12.39 -9.38
CA HIS A 363 -4.33 13.11 -8.79
C HIS A 363 -4.09 12.60 -7.38
N LEU A 364 -2.89 12.85 -6.88
CA LEU A 364 -2.50 12.46 -5.53
C LEU A 364 -2.85 13.58 -4.56
N ASN A 365 -3.53 13.22 -3.48
CA ASN A 365 -3.91 14.18 -2.45
C ASN A 365 -2.67 14.71 -1.75
N PRO A 366 -2.44 16.02 -1.72
CA PRO A 366 -1.18 16.52 -1.15
C PRO A 366 -1.03 16.31 0.34
N ASP A 367 -2.12 16.05 1.07
CA ASP A 367 -2.06 15.88 2.51
C ASP A 367 -1.58 14.50 2.92
N ASN A 368 -1.29 13.62 1.97
CA ASN A 368 -0.79 12.29 2.27
C ASN A 368 0.55 11.97 1.62
N PHE A 369 0.82 12.48 0.41
CA PHE A 369 1.96 12.05 -0.38
C PHE A 369 3.04 13.13 -0.43
N ALA A 370 4.20 12.72 -0.92
CA ALA A 370 5.33 13.63 -1.07
C ALA A 370 6.21 13.11 -2.20
N ILE A 371 6.22 13.82 -3.32
CA ILE A 371 7.02 13.47 -4.49
C ILE A 371 8.25 14.38 -4.48
N GLN A 372 9.44 13.82 -4.26
CA GLN A 372 10.60 14.66 -4.06
C GLN A 372 11.78 14.15 -4.86
N LEU A 373 12.81 14.99 -4.94
CA LEU A 373 14.04 14.69 -5.66
C LEU A 373 15.18 14.56 -4.68
N GLU A 374 15.73 13.36 -4.57
CA GLU A 374 16.95 13.17 -3.80
C GLU A 374 18.15 13.60 -4.62
N LYS A 375 19.30 13.75 -3.96
CA LYS A 375 20.52 14.10 -4.65
C LYS A 375 20.86 13.04 -5.68
N GLY A 376 21.15 13.47 -6.90
CA GLY A 376 21.38 12.57 -8.01
C GLY A 376 20.29 12.61 -9.08
N GLY A 377 19.16 13.25 -8.81
CA GLY A 377 18.12 13.42 -9.80
C GLY A 377 17.14 12.26 -9.93
N LYS A 378 17.25 11.24 -9.09
CA LYS A 378 16.29 10.14 -9.12
C LYS A 378 15.14 10.46 -8.18
N PHE A 379 13.92 10.51 -8.74
CA PHE A 379 12.76 10.88 -7.94
C PHE A 379 12.39 9.77 -6.96
N THR A 380 11.86 10.18 -5.81
CA THR A 380 11.34 9.25 -4.82
C THR A 380 9.95 9.69 -4.38
N VAL A 381 9.07 8.72 -4.19
CA VAL A 381 7.71 8.97 -3.74
C VAL A 381 7.56 8.42 -2.33
N ARG A 382 7.06 9.24 -1.42
CA ARG A 382 6.82 8.83 -0.04
C ARG A 382 5.34 8.99 0.28
N GLY A 383 4.84 8.09 1.10
CA GLY A 383 3.49 8.16 1.59
C GLY A 383 2.58 7.12 0.96
N LYS A 384 1.49 6.83 1.65
CA LYS A 384 0.52 5.86 1.21
C LYS A 384 -0.88 6.46 1.33
N PRO A 385 -1.83 6.00 0.53
CA PRO A 385 -3.16 6.63 0.53
C PRO A 385 -3.95 6.31 1.79
N THR A 386 -4.97 7.15 2.02
CA THR A 386 -5.92 6.94 3.09
C THR A 386 -7.15 6.24 2.55
N LEU A 387 -8.10 5.93 3.44
CA LEU A 387 -9.32 5.28 3.01
C LEU A 387 -10.29 6.25 2.32
N GLU A 388 -10.28 7.53 2.74
CA GLU A 388 -11.19 8.51 2.15
C GLU A 388 -10.82 8.80 0.70
N ASP A 389 -9.52 8.84 0.38
CA ASP A 389 -9.11 9.00 -1.01
C ASP A 389 -9.63 7.87 -1.88
N LEU A 390 -9.50 6.64 -1.40
CA LEU A 390 -10.00 5.50 -2.14
C LEU A 390 -11.52 5.55 -2.28
N GLU A 391 -12.21 6.03 -1.24
CA GLU A 391 -13.66 6.14 -1.31
C GLU A 391 -14.10 7.16 -2.37
N GLN A 392 -13.47 8.33 -2.36
CA GLN A 392 -13.84 9.35 -3.35
C GLN A 392 -13.49 8.90 -4.76
N PHE A 393 -12.37 8.20 -4.92
CA PHE A 393 -12.04 7.66 -6.23
C PHE A 393 -13.05 6.62 -6.68
N SER A 394 -13.44 5.74 -5.76
CA SER A 394 -14.38 4.68 -6.11
C SER A 394 -15.78 5.20 -6.36
N GLU A 395 -16.10 6.41 -5.90
CA GLU A 395 -17.36 7.01 -6.31
C GLU A 395 -17.22 7.74 -7.65
N LYS A 396 -16.23 8.62 -7.77
CA LYS A 396 -16.04 9.33 -9.04
C LYS A 396 -15.68 8.38 -10.17
N PHE A 397 -14.65 7.56 -9.98
CA PHE A 397 -14.09 6.71 -11.03
C PHE A 397 -14.68 5.31 -10.99
N TYR A 398 -14.37 4.54 -12.03
CA TYR A 398 -14.66 3.12 -12.06
C TYR A 398 -13.73 2.49 -13.08
N CYS A 399 -13.63 1.16 -13.00
CA CYS A 399 -12.68 0.39 -13.75
C CYS A 399 -13.25 -0.32 -14.92
N SER A 400 -12.37 -0.96 -15.67
CA SER A 400 -12.78 -1.77 -16.81
C SER A 400 -11.65 -2.73 -17.12
N CYS A 401 -11.96 -3.75 -17.92
CA CYS A 401 -11.02 -4.83 -18.15
C CYS A 401 -9.95 -4.46 -19.16
N TYR A 402 -8.87 -5.21 -19.13
CA TYR A 402 -7.83 -5.13 -20.15
C TYR A 402 -8.25 -5.96 -21.37
N SER A 403 -7.36 -6.01 -22.37
CA SER A 403 -7.56 -6.93 -23.48
C SER A 403 -7.07 -8.33 -23.17
N THR A 404 -6.29 -8.50 -22.10
CA THR A 404 -5.80 -9.80 -21.70
C THR A 404 -6.22 -10.19 -20.28
N LEU A 405 -6.72 -9.24 -19.50
CA LEU A 405 -7.05 -9.50 -18.10
C LEU A 405 -8.54 -9.28 -17.85
N SER A 406 -9.37 -9.78 -18.75
CA SER A 406 -10.82 -9.63 -18.63
C SER A 406 -11.39 -10.54 -17.56
N GLN B 1 17.93 -5.15 12.52
CA GLN B 1 17.33 -3.94 13.09
C GLN B 1 16.65 -4.25 14.41
N SER B 2 16.30 -3.22 15.18
CA SER B 2 15.67 -3.45 16.47
C SER B 2 14.73 -2.30 16.79
N VAL B 3 13.79 -2.59 17.69
CA VAL B 3 12.86 -1.60 18.20
C VAL B 3 12.80 -1.76 19.72
N GLU B 4 13.05 -0.66 20.44
CA GLU B 4 13.13 -0.71 21.90
C GLU B 4 12.38 0.46 22.51
N GLU B 5 11.44 0.18 23.40
CA GLU B 5 10.63 1.21 24.04
C GLU B 5 11.29 1.72 25.32
N SER B 6 10.90 2.92 25.73
CA SER B 6 11.40 3.49 26.97
C SER B 6 10.51 4.65 27.38
N GLY B 7 10.63 5.05 28.64
CA GLY B 7 9.90 6.16 29.19
C GLY B 7 8.75 5.80 30.09
N GLY B 8 8.30 4.55 30.07
CA GLY B 8 7.20 4.14 30.92
C GLY B 8 7.60 4.17 32.39
N ARG B 9 6.73 4.74 33.21
CA ARG B 9 7.04 4.95 34.62
C ARG B 9 5.72 5.10 35.38
N LEU B 10 5.80 5.62 36.59
CA LEU B 10 4.65 5.95 37.42
C LEU B 10 4.32 7.43 37.28
N VAL B 11 3.02 7.74 37.27
CA VAL B 11 2.55 9.12 37.08
C VAL B 11 1.35 9.35 37.99
N THR B 12 0.97 10.62 38.13
CA THR B 12 -0.16 11.04 38.95
C THR B 12 -1.29 11.56 38.07
N PRO B 13 -2.54 11.34 38.49
CA PRO B 13 -3.67 11.77 37.66
C PRO B 13 -3.67 13.28 37.39
N GLY B 14 -4.11 13.63 36.19
CA GLY B 14 -4.14 15.00 35.75
C GLY B 14 -2.91 15.49 35.03
N GLY B 15 -1.84 14.70 34.99
CA GLY B 15 -0.57 15.14 34.45
C GLY B 15 -0.38 14.83 32.98
N SER B 16 0.88 14.75 32.57
CA SER B 16 1.25 14.48 31.20
C SER B 16 2.52 13.64 31.18
N LEU B 17 2.72 12.91 30.09
CA LEU B 17 3.79 11.92 30.01
C LEU B 17 4.29 11.83 28.58
N THR B 18 5.51 11.33 28.43
CA THR B 18 6.15 11.15 27.14
C THR B 18 6.86 9.81 27.10
N LEU B 19 6.65 9.06 26.02
CA LEU B 19 7.34 7.81 25.76
C LEU B 19 8.22 7.95 24.54
N THR B 20 9.29 7.14 24.49
CA THR B 20 10.20 7.14 23.36
C THR B 20 10.34 5.72 22.83
N CYS B 21 10.61 5.60 21.52
CA CYS B 21 10.88 4.34 20.87
C CYS B 21 12.12 4.50 20.01
N THR B 22 13.12 3.66 20.25
CA THR B 22 14.44 3.79 19.65
C THR B 22 14.67 2.65 18.68
N VAL B 23 15.35 2.97 17.56
CA VAL B 23 15.58 2.01 16.49
C VAL B 23 17.06 1.99 16.13
N SER B 24 17.46 0.89 15.50
CA SER B 24 18.83 0.72 15.03
C SER B 24 18.81 -0.27 13.88
N GLY B 25 19.58 0.05 12.83
CA GLY B 25 19.68 -0.81 11.66
C GLY B 25 18.92 -0.36 10.44
N PHE B 26 18.18 0.74 10.51
CA PHE B 26 17.42 1.23 9.36
C PHE B 26 17.19 2.72 9.55
N SER B 27 16.36 3.29 8.69
CA SER B 27 16.04 4.71 8.71
C SER B 27 14.54 4.92 8.79
N LEU B 28 14.13 6.02 9.40
CA LEU B 28 12.73 6.32 9.62
C LEU B 28 12.04 6.88 8.38
N SER B 29 12.79 7.26 7.34
CA SER B 29 12.20 7.78 6.13
C SER B 29 11.84 6.69 5.13
N SER B 30 12.24 5.45 5.39
CA SER B 30 11.88 4.32 4.55
C SER B 30 10.88 3.37 5.19
N ASN B 31 10.85 3.32 6.52
CA ASN B 31 9.91 2.47 7.24
C ASN B 31 9.11 3.32 8.22
N ALA B 32 7.82 3.03 8.31
CA ALA B 32 6.91 3.76 9.17
C ALA B 32 6.89 3.13 10.56
N ILE B 33 6.17 3.77 11.49
CA ILE B 33 6.14 3.34 12.89
C ILE B 33 4.77 3.59 13.48
N SER B 34 4.30 2.63 14.28
CA SER B 34 2.99 2.68 14.90
C SER B 34 3.08 2.46 16.40
N TRP B 35 2.17 3.08 17.13
CA TRP B 35 2.05 2.98 18.58
C TRP B 35 0.74 2.28 18.94
N VAL B 36 0.84 1.23 19.76
CA VAL B 36 -0.32 0.48 20.22
C VAL B 36 -0.19 0.29 21.73
N ARG B 37 -1.34 0.18 22.40
CA ARG B 37 -1.39 -0.04 23.83
C ARG B 37 -2.25 -1.25 24.14
N GLN B 38 -2.00 -1.84 25.29
CA GLN B 38 -2.77 -2.99 25.76
C GLN B 38 -3.08 -2.80 27.23
N ALA B 39 -4.37 -2.70 27.56
CA ALA B 39 -4.77 -2.64 28.95
C ALA B 39 -4.66 -4.02 29.58
N PRO B 40 -4.33 -4.11 30.87
CA PRO B 40 -4.13 -5.42 31.50
C PRO B 40 -5.40 -6.27 31.42
N GLY B 41 -5.27 -7.44 30.79
CA GLY B 41 -6.39 -8.33 30.64
C GLY B 41 -7.41 -7.92 29.61
N LYS B 42 -7.05 -7.07 28.65
CA LYS B 42 -7.96 -6.64 27.60
C LYS B 42 -7.19 -6.61 26.29
N GLY B 43 -7.75 -5.94 25.30
CA GLY B 43 -7.25 -6.00 23.95
C GLY B 43 -6.34 -4.85 23.56
N LEU B 44 -5.76 -4.98 22.38
CA LEU B 44 -4.93 -3.93 21.80
C LEU B 44 -5.81 -2.78 21.33
N GLU B 45 -5.31 -1.56 21.51
CA GLU B 45 -6.00 -0.35 21.06
C GLU B 45 -5.05 0.49 20.23
N TYR B 46 -5.56 1.04 19.15
CA TYR B 46 -4.76 1.72 18.14
C TYR B 46 -4.68 3.20 18.49
N ILE B 47 -3.47 3.67 18.78
CA ILE B 47 -3.29 5.06 19.18
C ILE B 47 -2.99 5.95 17.97
N GLY B 48 -2.10 5.52 17.08
CA GLY B 48 -1.78 6.35 15.94
C GLY B 48 -0.81 5.67 15.02
N ILE B 49 -0.40 6.41 13.98
CA ILE B 49 0.51 5.91 12.97
C ILE B 49 1.24 7.09 12.35
N ILE B 50 2.52 6.90 12.03
CA ILE B 50 3.31 7.94 11.39
C ILE B 50 3.77 7.43 10.03
N SER B 51 3.51 8.21 8.98
CA SER B 51 3.85 7.81 7.62
C SER B 51 5.32 8.13 7.34
N THR B 52 5.74 7.91 6.10
CA THR B 52 7.09 8.26 5.69
C THR B 52 7.22 9.73 5.31
N SER B 53 6.12 10.44 5.15
CA SER B 53 6.11 11.84 4.75
C SER B 53 5.88 12.79 5.92
N GLY B 54 5.82 12.30 7.14
CA GLY B 54 5.57 13.13 8.29
C GLY B 54 4.12 13.24 8.71
N SER B 55 3.19 12.69 7.95
CA SER B 55 1.79 12.77 8.32
C SER B 55 1.49 11.85 9.49
N THR B 56 0.65 12.34 10.41
CA THR B 56 0.29 11.62 11.62
C THR B 56 -1.21 11.36 11.60
N TYR B 57 -1.60 10.11 11.82
CA TYR B 57 -3.01 9.76 11.90
C TYR B 57 -3.33 9.19 13.28
N TYR B 58 -4.44 9.62 13.86
CA TYR B 58 -4.90 9.16 15.16
C TYR B 58 -6.32 8.62 15.05
N ALA B 59 -6.74 7.88 16.07
CA ALA B 59 -8.13 7.47 16.20
C ALA B 59 -8.93 8.56 16.91
N ASN B 60 -10.23 8.57 16.66
CA ASN B 60 -11.06 9.69 17.09
C ASN B 60 -11.18 9.79 18.61
N TRP B 61 -11.02 8.69 19.34
CA TRP B 61 -11.02 8.77 20.80
C TRP B 61 -9.79 9.48 21.34
N ALA B 62 -8.74 9.64 20.53
CA ALA B 62 -7.48 10.18 20.99
C ALA B 62 -7.16 11.56 20.49
N LYS B 63 -7.88 12.05 19.48
CA LYS B 63 -7.58 13.38 18.96
C LYS B 63 -7.86 14.44 20.02
N GLY B 64 -6.88 15.31 20.22
CA GLY B 64 -6.94 16.33 21.25
C GLY B 64 -6.09 16.05 22.47
N ARG B 65 -5.55 14.85 22.60
CA ARG B 65 -4.73 14.47 23.73
C ARG B 65 -3.34 13.97 23.33
N PHE B 66 -3.23 13.19 22.26
CA PHE B 66 -2.00 12.51 21.90
C PHE B 66 -1.31 13.21 20.74
N THR B 67 0.02 13.06 20.68
CA THR B 67 0.80 13.69 19.63
C THR B 67 2.10 12.92 19.40
N ILE B 68 2.37 12.54 18.16
CA ILE B 68 3.56 11.79 17.81
C ILE B 68 4.59 12.74 17.21
N SER B 69 5.85 12.28 17.21
CA SER B 69 6.94 13.08 16.65
C SER B 69 8.07 12.15 16.25
N LYS B 70 8.92 12.65 15.35
CA LYS B 70 10.04 11.88 14.82
C LYS B 70 11.34 12.65 15.03
N THR B 71 12.44 11.91 14.94
CA THR B 71 13.78 12.49 15.01
C THR B 71 14.63 11.73 13.99
N SER B 72 15.95 11.85 14.11
CA SER B 72 16.83 11.06 13.26
C SER B 72 16.79 9.58 13.63
N THR B 73 16.61 9.27 14.91
CA THR B 73 16.61 7.89 15.38
C THR B 73 15.36 7.48 16.14
N THR B 74 14.82 8.33 17.01
CA THR B 74 13.76 7.93 17.93
C THR B 74 12.42 8.53 17.52
N VAL B 75 11.37 7.74 17.71
CA VAL B 75 9.99 8.17 17.50
C VAL B 75 9.34 8.31 18.87
N ASP B 76 8.81 9.50 19.15
CA ASP B 76 8.28 9.78 20.48
C ASP B 76 6.78 10.02 20.46
N LEU B 77 6.14 9.65 21.56
CA LEU B 77 4.71 9.88 21.79
C LEU B 77 4.55 10.76 23.03
N LYS B 78 3.59 11.68 22.98
CA LYS B 78 3.31 12.58 24.10
C LYS B 78 1.83 12.62 24.36
N MET B 79 1.45 12.59 25.64
CA MET B 79 0.05 12.49 26.03
C MET B 79 -0.27 13.45 27.16
N THR B 80 -1.56 13.76 27.31
CA THR B 80 -2.05 14.71 28.30
C THR B 80 -3.37 14.20 28.89
N SER B 81 -3.78 14.85 29.98
CA SER B 81 -5.03 14.56 30.67
C SER B 81 -5.13 13.08 31.05
N LEU B 82 -4.21 12.66 31.93
CA LEU B 82 -4.11 11.27 32.30
C LEU B 82 -5.09 10.94 33.42
N THR B 83 -5.89 9.91 33.19
CA THR B 83 -6.85 9.42 34.17
C THR B 83 -6.52 7.96 34.46
N THR B 84 -7.37 7.34 35.28
CA THR B 84 -7.17 5.94 35.62
C THR B 84 -7.47 5.00 34.47
N GLU B 85 -7.98 5.51 33.36
CA GLU B 85 -8.33 4.69 32.21
C GLU B 85 -7.17 4.50 31.25
N ASP B 86 -5.98 5.00 31.57
CA ASP B 86 -4.85 4.97 30.65
C ASP B 86 -3.74 4.02 31.08
N THR B 87 -4.00 3.12 32.02
CA THR B 87 -2.96 2.21 32.47
C THR B 87 -2.85 1.05 31.47
N ALA B 88 -1.65 0.80 30.98
CA ALA B 88 -1.47 -0.15 29.89
C ALA B 88 0.01 -0.44 29.69
N THR B 89 0.28 -1.29 28.70
CA THR B 89 1.62 -1.55 28.17
C THR B 89 1.67 -1.05 26.74
N TYR B 90 2.69 -0.26 26.42
CA TYR B 90 2.81 0.45 25.16
C TYR B 90 3.91 -0.17 24.31
N PHE B 91 3.56 -0.55 23.08
CA PHE B 91 4.45 -1.18 22.12
C PHE B 91 4.82 -0.20 21.02
N CYS B 92 5.73 -0.64 20.16
CA CYS B 92 6.23 0.14 19.03
C CYS B 92 6.47 -0.81 17.87
N ALA B 93 5.75 -0.61 16.77
CA ALA B 93 5.81 -1.54 15.66
C ALA B 93 6.39 -0.86 14.43
N ARG B 94 7.16 -1.63 13.65
CA ARG B 94 7.80 -1.17 12.43
C ARG B 94 7.19 -1.85 11.21
N ASP B 95 7.01 -1.08 10.14
CA ASP B 95 6.47 -1.58 8.89
C ASP B 95 7.59 -2.20 8.06
N GLY B 96 7.40 -3.45 7.68
CA GLY B 96 8.38 -4.22 6.96
C GLY B 96 8.35 -4.08 5.46
N ALA B 97 7.49 -3.22 4.93
CA ALA B 97 7.43 -2.92 3.50
C ALA B 97 7.18 -4.17 2.67
N TYR B 98 6.06 -4.83 2.95
CA TYR B 98 5.59 -5.90 2.08
C TYR B 98 4.67 -5.39 0.98
N ASP B 99 4.09 -4.21 1.14
CA ASP B 99 3.15 -3.66 0.18
C ASP B 99 3.52 -2.21 -0.08
N ASP B 100 3.18 -1.73 -1.28
CA ASP B 100 3.52 -0.38 -1.68
C ASP B 100 2.46 0.64 -1.30
N PHE B 101 1.29 0.20 -0.83
CA PHE B 101 0.22 1.15 -0.50
C PHE B 101 -0.48 0.83 0.81
N ALA B 102 0.16 0.07 1.70
CA ALA B 102 -0.44 -0.26 2.99
C ALA B 102 0.66 -0.59 3.98
N TYR B 103 0.33 -0.46 5.26
CA TYR B 103 1.27 -0.68 6.34
C TYR B 103 1.10 -2.09 6.88
N TYR B 104 2.21 -2.80 7.07
CA TYR B 104 2.18 -4.12 7.67
C TYR B 104 3.39 -4.25 8.59
N PHE B 105 3.13 -4.53 9.86
CA PHE B 105 4.14 -4.42 10.90
C PHE B 105 4.73 -5.80 11.22
N ASP B 106 6.05 -5.92 11.11
CA ASP B 106 6.77 -7.17 11.27
C ASP B 106 7.68 -7.19 12.50
N LEU B 107 8.33 -6.08 12.81
CA LEU B 107 9.27 -6.02 13.93
C LEU B 107 8.63 -5.24 15.06
N TRP B 108 8.52 -5.88 16.22
CA TRP B 108 7.92 -5.30 17.41
C TRP B 108 8.95 -5.16 18.52
N GLY B 109 8.60 -4.37 19.51
CA GLY B 109 9.44 -4.16 20.67
C GLY B 109 9.03 -5.05 21.82
N GLN B 110 9.35 -4.60 23.02
CA GLN B 110 9.06 -5.34 24.23
C GLN B 110 7.91 -4.74 25.04
N GLY B 111 7.86 -3.42 25.18
CA GLY B 111 6.76 -2.79 25.87
C GLY B 111 7.16 -1.98 27.09
N THR B 112 6.47 -0.87 27.33
CA THR B 112 6.69 -0.09 28.53
C THR B 112 5.39 -0.01 29.33
N LEU B 113 5.50 -0.10 30.65
CA LEU B 113 4.34 -0.12 31.53
C LEU B 113 4.06 1.28 32.04
N VAL B 114 2.82 1.74 31.91
CA VAL B 114 2.42 3.05 32.41
C VAL B 114 1.40 2.83 33.52
N THR B 115 1.72 3.33 34.72
CA THR B 115 0.88 3.16 35.91
C THR B 115 0.37 4.52 36.35
N VAL B 116 -0.94 4.65 36.47
CA VAL B 116 -1.59 5.89 36.86
C VAL B 116 -2.29 5.67 38.18
N SER B 117 -1.76 6.27 39.25
CA SER B 117 -2.35 6.18 40.57
C SER B 117 -1.87 7.37 41.39
N SER B 118 -2.52 7.59 42.52
CA SER B 118 -2.24 8.74 43.37
C SER B 118 -1.27 8.42 44.50
N GLY B 119 -0.68 7.23 44.51
CA GLY B 119 0.15 6.78 45.61
C GLY B 119 1.62 7.16 45.46
N GLN B 120 2.44 6.48 46.23
CA GLN B 120 3.89 6.61 46.21
C GLN B 120 4.50 5.21 46.11
N PRO B 121 5.69 5.09 45.54
CA PRO B 121 6.28 3.77 45.31
C PRO B 121 6.58 3.01 46.59
N LYS B 122 6.57 1.68 46.46
CA LYS B 122 6.96 0.78 47.54
C LYS B 122 8.00 -0.21 47.02
N ALA B 123 8.58 -0.95 47.94
CA ALA B 123 9.59 -1.97 47.66
C ALA B 123 9.08 -3.34 48.09
N PRO B 124 9.54 -4.41 47.45
CA PRO B 124 9.00 -5.74 47.74
C PRO B 124 9.57 -6.33 49.02
N SER B 125 8.89 -7.37 49.50
CA SER B 125 9.33 -8.11 50.68
C SER B 125 9.50 -9.57 50.29
N VAL B 126 10.74 -10.05 50.30
CA VAL B 126 11.09 -11.36 49.75
C VAL B 126 11.20 -12.35 50.89
N PHE B 127 10.49 -13.46 50.77
CA PHE B 127 10.48 -14.53 51.77
C PHE B 127 10.84 -15.85 51.12
N PRO B 128 11.41 -16.78 51.88
CA PRO B 128 11.68 -18.13 51.34
C PRO B 128 10.53 -19.10 51.56
N LEU B 129 10.42 -20.06 50.64
CA LEU B 129 9.42 -21.12 50.70
C LEU B 129 10.13 -22.45 50.59
N ALA B 130 10.25 -23.15 51.72
CA ALA B 130 10.88 -24.46 51.76
C ALA B 130 9.92 -25.42 52.47
N PRO B 131 9.60 -26.56 51.87
CA PRO B 131 8.68 -27.50 52.51
C PRO B 131 9.27 -28.11 53.76
N CYS B 132 8.39 -28.51 54.67
CA CYS B 132 8.81 -29.14 55.92
C CYS B 132 9.53 -30.46 55.67
N THR B 136 9.05 -38.92 53.76
CA THR B 136 10.51 -38.86 53.81
C THR B 136 11.06 -38.09 52.62
N PRO B 137 12.07 -37.26 52.86
CA PRO B 137 12.66 -36.47 51.78
C PRO B 137 13.33 -37.37 50.73
N SER B 138 13.31 -36.90 49.49
CA SER B 138 13.89 -37.60 48.36
C SER B 138 15.15 -36.87 47.89
N SER B 139 15.74 -37.37 46.79
CA SER B 139 16.95 -36.79 46.25
C SER B 139 16.70 -35.46 45.56
N THR B 140 15.48 -35.21 45.08
CA THR B 140 15.13 -33.97 44.40
C THR B 140 14.10 -33.23 45.23
N VAL B 141 14.29 -31.91 45.37
CA VAL B 141 13.43 -31.09 46.20
C VAL B 141 13.04 -29.84 45.44
N THR B 142 11.93 -29.23 45.86
CA THR B 142 11.40 -28.02 45.25
C THR B 142 11.41 -26.89 46.26
N LEU B 143 12.04 -25.78 45.88
CA LEU B 143 12.13 -24.60 46.74
C LEU B 143 11.57 -23.41 45.98
N GLY B 144 11.28 -22.33 46.72
CA GLY B 144 10.62 -21.19 46.11
C GLY B 144 10.90 -19.89 46.84
N CYS B 145 10.52 -18.80 46.18
CA CYS B 145 10.71 -17.45 46.69
C CYS B 145 9.42 -16.68 46.49
N LEU B 146 8.94 -16.02 47.54
CA LEU B 146 7.70 -15.26 47.51
C LEU B 146 7.99 -13.77 47.54
N VAL B 147 7.40 -13.04 46.59
CA VAL B 147 7.57 -11.60 46.44
C VAL B 147 6.23 -10.94 46.68
N LYS B 148 6.19 -9.95 47.56
CA LYS B 148 4.91 -9.42 48.00
C LYS B 148 5.02 -7.93 48.30
N GLY B 149 3.99 -7.18 47.92
CA GLY B 149 3.85 -5.79 48.29
C GLY B 149 4.70 -4.79 47.52
N TYR B 150 4.45 -4.62 46.21
CA TYR B 150 5.18 -3.64 45.42
C TYR B 150 4.22 -2.93 44.49
N LEU B 151 4.41 -1.61 44.34
CA LEU B 151 3.43 -0.82 43.59
C LEU B 151 3.58 -0.95 42.07
N PRO B 152 4.72 -0.61 41.47
CA PRO B 152 4.81 -0.74 40.01
C PRO B 152 5.36 -2.07 39.56
N GLU B 153 4.82 -2.58 38.46
CA GLU B 153 5.41 -3.71 37.79
C GLU B 153 6.60 -3.24 36.93
N PRO B 154 7.51 -4.16 36.56
CA PRO B 154 7.66 -5.57 36.88
C PRO B 154 8.83 -5.88 37.82
N VAL B 155 8.80 -7.07 38.42
CA VAL B 155 9.79 -7.52 39.39
C VAL B 155 10.46 -8.75 38.83
N THR B 156 11.78 -8.74 38.73
CA THR B 156 12.51 -9.83 38.11
C THR B 156 13.12 -10.75 39.18
N VAL B 157 13.01 -12.05 38.95
CA VAL B 157 13.50 -13.07 39.87
C VAL B 157 14.35 -14.07 39.10
N THR B 158 15.55 -14.34 39.60
CA THR B 158 16.48 -15.24 38.94
C THR B 158 17.10 -16.17 39.97
N TRP B 159 17.61 -17.31 39.49
CA TRP B 159 18.16 -18.35 40.34
C TRP B 159 19.63 -18.58 40.03
N ASN B 160 20.48 -18.39 41.04
CA ASN B 160 21.92 -18.65 40.95
C ASN B 160 22.53 -17.96 39.73
N SER B 161 22.40 -16.62 39.72
CA SER B 161 22.88 -15.78 38.62
C SER B 161 22.31 -16.21 37.27
N GLY B 162 21.24 -17.00 37.27
CA GLY B 162 20.67 -17.51 36.05
C GLY B 162 21.23 -18.84 35.59
N THR B 163 22.28 -19.33 36.24
CA THR B 163 22.85 -20.63 35.87
C THR B 163 21.86 -21.76 36.08
N LEU B 164 21.09 -21.69 37.16
CA LEU B 164 20.05 -22.69 37.45
C LEU B 164 18.80 -22.40 36.61
N THR B 165 19.00 -22.35 35.31
CA THR B 165 17.94 -22.03 34.36
C THR B 165 17.14 -23.25 33.93
N ASN B 166 17.18 -24.33 34.71
CA ASN B 166 16.46 -25.54 34.38
C ASN B 166 15.36 -25.76 35.41
N GLY B 167 14.14 -26.00 34.94
CA GLY B 167 13.03 -26.25 35.84
C GLY B 167 12.48 -25.02 36.52
N VAL B 168 12.73 -23.84 35.96
CA VAL B 168 12.22 -22.60 36.56
C VAL B 168 10.75 -22.44 36.21
N ARG B 169 9.99 -21.89 37.14
CA ARG B 169 8.56 -21.66 36.96
C ARG B 169 8.20 -20.32 37.59
N THR B 170 7.88 -19.34 36.76
CA THR B 170 7.60 -17.98 37.19
C THR B 170 6.14 -17.65 36.92
N PHE B 171 5.49 -17.00 37.88
CA PHE B 171 4.06 -16.85 37.87
C PHE B 171 3.64 -15.41 37.59
N PRO B 172 2.47 -15.20 36.99
CA PRO B 172 1.99 -13.84 36.72
C PRO B 172 1.61 -13.11 37.99
N SER B 173 1.79 -11.79 37.95
CA SER B 173 1.48 -10.95 39.10
C SER B 173 -0.03 -10.77 39.25
N VAL B 174 -0.44 -10.31 40.43
CA VAL B 174 -1.84 -10.17 40.78
C VAL B 174 -2.03 -8.84 41.48
N ARG B 175 -3.07 -8.10 41.09
CA ARG B 175 -3.41 -6.85 41.74
C ARG B 175 -4.41 -7.09 42.87
N GLN B 176 -4.27 -6.33 43.95
CA GLN B 176 -5.10 -6.48 45.13
C GLN B 176 -6.03 -5.28 45.29
N SER B 177 -6.81 -5.30 46.37
CA SER B 177 -7.74 -4.23 46.67
C SER B 177 -7.06 -3.02 47.30
N SER B 178 -5.79 -3.12 47.67
CA SER B 178 -5.05 -2.00 48.23
C SER B 178 -4.08 -1.38 47.23
N GLY B 179 -4.20 -1.72 45.95
CA GLY B 179 -3.23 -1.28 44.98
C GLY B 179 -1.86 -1.87 45.19
N LEU B 180 -1.78 -3.17 45.48
CA LEU B 180 -0.52 -3.84 45.74
C LEU B 180 -0.50 -5.18 45.03
N TYR B 181 0.70 -5.59 44.62
CA TYR B 181 0.91 -6.76 43.78
C TYR B 181 1.46 -7.94 44.58
N SER B 182 1.58 -9.08 43.90
CA SER B 182 2.14 -10.29 44.49
C SER B 182 2.73 -11.14 43.37
N LEU B 183 3.59 -12.09 43.77
CA LEU B 183 4.29 -12.95 42.80
C LEU B 183 4.98 -14.08 43.56
N SER B 184 5.17 -15.20 42.86
CA SER B 184 5.83 -16.35 43.45
C SER B 184 6.66 -17.05 42.39
N SER B 185 7.74 -17.69 42.83
CA SER B 185 8.60 -18.42 41.91
C SER B 185 9.07 -19.70 42.59
N VAL B 186 9.36 -20.72 41.78
CA VAL B 186 9.74 -22.03 42.30
C VAL B 186 10.73 -22.67 41.34
N VAL B 187 11.69 -23.41 41.89
CA VAL B 187 12.56 -24.29 41.10
C VAL B 187 12.76 -25.61 41.83
N SER B 188 13.45 -26.54 41.18
CA SER B 188 13.72 -27.85 41.73
C SER B 188 15.20 -28.18 41.54
N VAL B 189 15.76 -28.89 42.51
CA VAL B 189 17.21 -29.13 42.56
C VAL B 189 17.46 -30.50 43.14
N THR B 190 18.55 -31.12 42.70
CA THR B 190 18.98 -32.39 43.26
C THR B 190 19.66 -32.15 44.61
N SER B 191 19.16 -32.81 45.65
CA SER B 191 19.71 -32.64 46.98
C SER B 191 20.91 -33.55 47.18
N GLN B 194 25.42 -25.83 46.81
CA GLN B 194 24.23 -26.65 46.54
C GLN B 194 22.92 -25.97 46.96
N PRO B 195 22.89 -25.29 48.11
CA PRO B 195 21.71 -24.47 48.43
C PRO B 195 21.48 -23.41 47.36
N VAL B 196 20.21 -23.15 47.08
CA VAL B 196 19.80 -22.28 45.98
C VAL B 196 19.80 -20.83 46.46
N THR B 197 19.99 -19.92 45.51
CA THR B 197 20.02 -18.50 45.77
C THR B 197 19.04 -17.78 44.85
N CYS B 198 18.22 -16.92 45.44
CA CYS B 198 17.25 -16.10 44.71
C CYS B 198 17.78 -14.68 44.62
N ASN B 199 17.88 -14.16 43.40
CA ASN B 199 18.17 -12.75 43.17
C ASN B 199 16.88 -12.07 42.71
N VAL B 200 16.41 -11.09 43.49
CA VAL B 200 15.18 -10.38 43.18
C VAL B 200 15.51 -8.92 42.96
N ALA B 201 15.12 -8.40 41.79
CA ALA B 201 15.47 -7.04 41.40
C ALA B 201 14.21 -6.26 41.08
N HIS B 202 14.13 -5.05 41.63
CA HIS B 202 13.04 -4.12 41.35
C HIS B 202 13.67 -2.85 40.79
N PRO B 203 13.65 -2.66 39.47
CA PRO B 203 14.27 -1.46 38.90
C PRO B 203 13.63 -0.16 39.34
N ALA B 204 12.31 -0.15 39.53
CA ALA B 204 11.62 1.11 39.82
C ALA B 204 12.11 1.72 41.12
N THR B 205 12.27 0.91 42.17
CA THR B 205 12.96 1.34 43.37
C THR B 205 14.43 1.00 43.34
N ASN B 206 14.90 0.37 42.28
CA ASN B 206 16.32 0.06 42.06
C ASN B 206 16.91 -0.66 43.28
N THR B 207 16.30 -1.79 43.63
CA THR B 207 16.78 -2.57 44.76
C THR B 207 17.07 -4.00 44.29
N LYS B 208 18.21 -4.53 44.72
CA LYS B 208 18.60 -5.91 44.48
C LYS B 208 18.70 -6.63 45.82
N VAL B 209 17.98 -7.72 45.97
CA VAL B 209 17.88 -8.45 47.23
C VAL B 209 18.26 -9.91 46.98
N ASP B 210 19.13 -10.44 47.84
CA ASP B 210 19.63 -11.79 47.71
C ASP B 210 19.09 -12.66 48.85
N LYS B 211 18.66 -13.87 48.51
CA LYS B 211 18.14 -14.81 49.50
C LYS B 211 18.82 -16.14 49.31
N THR B 212 19.20 -16.78 50.42
CA THR B 212 19.74 -18.13 50.40
C THR B 212 18.68 -19.05 50.99
N VAL B 213 18.29 -20.08 50.24
CA VAL B 213 17.21 -20.98 50.64
C VAL B 213 17.80 -22.37 50.83
N ALA B 214 17.66 -22.91 52.04
CA ALA B 214 18.13 -24.24 52.36
C ALA B 214 17.03 -25.01 53.07
N PRO B 215 16.86 -26.30 52.73
CA PRO B 215 15.72 -27.05 53.27
C PRO B 215 15.79 -27.20 54.77
N SER B 216 14.63 -27.24 55.41
CA SER B 216 14.54 -27.38 56.86
C SER B 216 14.68 -28.84 57.27
N ALA C 1 -18.11 6.08 10.33
CA ALA C 1 -17.40 5.44 11.42
C ALA C 1 -17.03 4.02 11.05
N LEU C 2 -15.73 3.77 10.88
CA LEU C 2 -15.23 2.45 10.52
C LEU C 2 -15.14 1.61 11.79
N VAL C 3 -16.05 0.65 11.92
CA VAL C 3 -16.14 -0.22 13.09
C VAL C 3 -15.84 -1.64 12.64
N MET C 4 -14.83 -2.25 13.24
CA MET C 4 -14.41 -3.61 12.90
C MET C 4 -14.62 -4.50 14.12
N THR C 5 -15.39 -5.58 13.92
CA THR C 5 -15.88 -6.44 14.98
C THR C 5 -15.33 -7.85 14.82
N GLN C 6 -14.81 -8.42 15.91
CA GLN C 6 -14.30 -9.78 15.93
C GLN C 6 -15.27 -10.70 16.65
N THR C 7 -15.57 -11.84 16.02
CA THR C 7 -16.34 -12.91 16.60
C THR C 7 -15.71 -14.19 16.06
N PRO C 8 -15.37 -15.16 16.91
CA PRO C 8 -15.53 -15.16 18.37
C PRO C 8 -14.44 -14.39 19.13
N SER C 9 -14.63 -14.26 20.43
CA SER C 9 -13.66 -13.67 21.33
C SER C 9 -12.85 -14.71 22.10
N SER C 10 -13.24 -15.98 22.02
CA SER C 10 -12.50 -17.08 22.64
C SER C 10 -12.98 -18.40 22.06
N VAL C 11 -12.07 -19.21 21.53
CA VAL C 11 -12.41 -20.46 20.88
C VAL C 11 -11.77 -21.61 21.66
N SER C 12 -12.53 -22.70 21.80
CA SER C 12 -12.07 -23.88 22.52
C SER C 12 -12.25 -25.09 21.62
N ALA C 13 -11.20 -25.45 20.88
CA ALA C 13 -11.25 -26.57 19.95
C ALA C 13 -10.07 -27.49 20.20
N ALA C 14 -10.36 -28.78 20.34
CA ALA C 14 -9.36 -29.76 20.70
C ALA C 14 -8.37 -29.98 19.56
N VAL C 15 -7.43 -30.91 19.77
CA VAL C 15 -6.41 -31.17 18.77
C VAL C 15 -7.04 -31.65 17.47
N GLY C 16 -6.56 -31.12 16.35
CA GLY C 16 -7.18 -31.34 15.06
C GLY C 16 -7.04 -30.12 14.17
N GLY C 17 -8.16 -29.59 13.71
CA GLY C 17 -8.16 -28.31 13.01
C GLY C 17 -9.26 -27.43 13.55
N THR C 18 -8.90 -26.19 13.88
CA THR C 18 -9.80 -25.28 14.58
C THR C 18 -10.27 -24.17 13.64
N VAL C 19 -11.14 -23.31 14.17
CA VAL C 19 -11.98 -22.41 13.39
C VAL C 19 -11.17 -21.29 12.76
N THR C 20 -11.80 -20.53 11.88
CA THR C 20 -11.23 -19.36 11.24
C THR C 20 -11.72 -18.13 12.01
N ILE C 21 -10.81 -17.42 12.66
CA ILE C 21 -11.18 -16.21 13.38
C ILE C 21 -11.60 -15.14 12.37
N ASN C 22 -12.66 -14.40 12.70
CA ASN C 22 -13.31 -13.53 11.73
C ASN C 22 -12.92 -12.07 11.95
N CYS C 23 -13.45 -11.21 11.07
CA CYS C 23 -13.35 -9.76 11.21
C CYS C 23 -14.34 -9.09 10.27
N GLN C 24 -15.19 -8.22 10.80
CA GLN C 24 -16.20 -7.49 10.05
C GLN C 24 -15.79 -6.03 9.90
N ALA C 25 -16.58 -5.26 9.16
CA ALA C 25 -16.33 -3.85 8.94
C ALA C 25 -17.63 -3.18 8.50
N SER C 26 -17.57 -1.85 8.35
CA SER C 26 -18.71 -1.07 7.89
C SER C 26 -18.41 -0.14 6.74
N GLN C 27 -17.13 0.16 6.49
CA GLN C 27 -16.70 0.89 5.31
C GLN C 27 -15.87 -0.06 4.45
N ASN C 28 -16.07 0.00 3.14
CA ASN C 28 -15.46 -0.96 2.24
C ASN C 28 -13.94 -0.95 2.38
N ILE C 29 -13.37 -2.12 2.68
CA ILE C 29 -11.93 -2.32 2.81
C ILE C 29 -11.55 -3.44 1.85
N TYR C 30 -10.74 -3.10 0.85
CA TYR C 30 -10.43 -4.05 -0.21
C TYR C 30 -9.60 -5.24 0.25
N SER C 31 -8.33 -5.00 0.59
CA SER C 31 -7.42 -6.06 0.94
C SER C 31 -6.44 -5.68 2.03
N GLY C 32 -6.56 -4.49 2.61
CA GLY C 32 -5.66 -4.07 3.66
C GLY C 32 -6.12 -4.51 5.04
N LEU C 33 -5.99 -5.79 5.34
CA LEU C 33 -6.35 -6.33 6.64
C LEU C 33 -5.33 -7.37 7.05
N ALA C 34 -4.68 -7.16 8.18
CA ALA C 34 -3.59 -7.99 8.65
C ALA C 34 -3.97 -8.72 9.92
N TRP C 35 -3.38 -9.90 10.11
CA TRP C 35 -3.64 -10.70 11.29
C TRP C 35 -2.38 -10.90 12.09
N TYR C 36 -2.51 -10.81 13.41
CA TYR C 36 -1.40 -10.91 14.36
C TYR C 36 -1.71 -11.96 15.41
N GLN C 37 -0.65 -12.49 16.02
CA GLN C 37 -0.74 -13.51 17.05
C GLN C 37 0.11 -13.11 18.24
N GLN C 38 -0.45 -13.22 19.45
CA GLN C 38 0.23 -12.80 20.67
C GLN C 38 0.01 -13.83 21.78
N LYS C 39 1.09 -14.49 22.18
CA LYS C 39 1.06 -15.28 23.41
C LYS C 39 1.12 -14.34 24.60
N LEU C 40 0.78 -14.87 25.77
CA LEU C 40 0.72 -14.03 26.96
C LEU C 40 2.12 -13.62 27.40
N GLY C 41 2.30 -12.32 27.63
CA GLY C 41 3.56 -11.78 28.08
C GLY C 41 4.56 -11.48 27.00
N GLN C 42 4.19 -11.61 25.73
CA GLN C 42 5.09 -11.44 24.61
C GLN C 42 4.51 -10.45 23.62
N PRO C 43 5.34 -9.83 22.79
CA PRO C 43 4.84 -8.97 21.73
C PRO C 43 4.21 -9.79 20.62
N PRO C 44 3.28 -9.23 19.86
CA PRO C 44 2.61 -10.00 18.80
C PRO C 44 3.53 -10.40 17.67
N LYS C 45 2.98 -11.09 16.67
CA LYS C 45 3.77 -11.58 15.55
C LYS C 45 2.90 -11.58 14.31
N LEU C 46 3.45 -11.10 13.20
CA LEU C 46 2.69 -10.98 11.96
C LEU C 46 2.58 -12.34 11.29
N LEU C 47 1.35 -12.77 11.02
CA LEU C 47 1.06 -14.06 10.41
C LEU C 47 0.57 -13.94 8.98
N ILE C 48 -0.47 -13.17 8.74
CA ILE C 48 -0.99 -12.91 7.39
C ILE C 48 -0.89 -11.41 7.15
N TYR C 49 -0.15 -11.03 6.11
CA TYR C 49 0.11 -9.63 5.80
C TYR C 49 -0.68 -9.15 4.59
N LYS C 50 -1.76 -9.84 4.25
CA LYS C 50 -2.87 -9.30 3.49
C LYS C 50 -4.11 -10.04 3.98
N ALA C 51 -5.19 -10.00 3.22
CA ALA C 51 -6.29 -10.88 3.55
C ALA C 51 -5.93 -12.35 3.35
N SER C 52 -4.89 -12.65 2.55
CA SER C 52 -4.58 -14.04 2.20
C SER C 52 -3.10 -14.42 2.24
N THR C 53 -2.16 -13.48 2.20
CA THR C 53 -0.75 -13.83 2.02
C THR C 53 -0.04 -14.05 3.34
N LEU C 54 0.68 -15.16 3.45
CA LEU C 54 1.45 -15.52 4.63
C LEU C 54 2.88 -14.98 4.55
N ALA C 55 3.44 -14.70 5.72
CA ALA C 55 4.81 -14.20 5.80
C ALA C 55 5.77 -15.36 6.04
N SER C 56 7.05 -15.09 5.77
CA SER C 56 8.07 -16.10 6.00
C SER C 56 8.16 -16.44 7.47
N GLY C 57 8.20 -17.73 7.77
CA GLY C 57 8.24 -18.19 9.13
C GLY C 57 6.91 -18.60 9.72
N VAL C 58 5.95 -18.96 8.89
CA VAL C 58 4.66 -19.43 9.39
C VAL C 58 4.53 -20.92 9.06
N PRO C 59 5.05 -21.80 9.92
CA PRO C 59 5.01 -23.24 9.61
C PRO C 59 3.70 -23.91 9.90
N SER C 60 2.72 -23.19 10.47
CA SER C 60 1.45 -23.78 10.84
C SER C 60 0.41 -23.70 9.72
N ARG C 61 0.86 -23.60 8.47
CA ARG C 61 0.05 -23.72 7.26
C ARG C 61 -1.27 -22.96 7.37
N PHE C 62 -1.26 -21.82 8.06
CA PHE C 62 -2.40 -20.91 8.04
C PHE C 62 -2.73 -20.50 6.61
N LYS C 63 -3.96 -20.05 6.41
CA LYS C 63 -4.35 -19.46 5.12
C LYS C 63 -5.60 -18.63 5.34
N GLY C 64 -5.49 -17.33 5.11
CA GLY C 64 -6.61 -16.42 5.25
C GLY C 64 -7.28 -16.19 3.91
N SER C 65 -8.56 -15.82 3.96
CA SER C 65 -9.31 -15.63 2.73
C SER C 65 -10.44 -14.64 2.97
N GLY C 66 -10.64 -13.76 2.02
CA GLY C 66 -11.78 -12.86 2.08
C GLY C 66 -11.50 -11.58 1.33
N SER C 67 -12.56 -10.79 1.18
CA SER C 67 -12.52 -9.43 0.64
C SER C 67 -13.90 -8.83 0.90
N GLY C 68 -14.10 -7.61 0.44
CA GLY C 68 -15.38 -6.94 0.63
C GLY C 68 -15.46 -6.21 1.97
N THR C 69 -16.30 -6.72 2.88
CA THR C 69 -16.35 -6.19 4.23
C THR C 69 -16.31 -7.27 5.31
N GLN C 70 -16.15 -8.54 4.95
CA GLN C 70 -16.11 -9.62 5.92
C GLN C 70 -14.95 -10.54 5.57
N PHE C 71 -14.11 -10.85 6.56
CA PHE C 71 -12.81 -11.47 6.33
C PHE C 71 -12.57 -12.55 7.39
N THR C 72 -11.70 -13.50 7.06
CA THR C 72 -11.43 -14.63 7.96
C THR C 72 -9.98 -15.03 7.89
N LEU C 73 -9.53 -15.72 8.95
CA LEU C 73 -8.19 -16.31 9.05
C LEU C 73 -8.36 -17.75 9.50
N THR C 74 -7.96 -18.69 8.65
CA THR C 74 -8.21 -20.11 8.90
C THR C 74 -7.00 -20.73 9.58
N ILE C 75 -7.26 -21.43 10.69
CA ILE C 75 -6.20 -22.15 11.41
C ILE C 75 -6.28 -23.60 10.92
N SER C 76 -5.35 -23.96 10.04
CA SER C 76 -5.35 -25.31 9.47
C SER C 76 -4.68 -26.32 10.39
N GLY C 77 -3.48 -26.03 10.89
CA GLY C 77 -2.81 -26.96 11.78
C GLY C 77 -2.66 -26.44 13.20
N VAL C 78 -3.44 -26.99 14.13
CA VAL C 78 -3.45 -26.55 15.52
C VAL C 78 -2.94 -27.69 16.39
N GLN C 79 -1.99 -27.36 17.27
CA GLN C 79 -1.45 -28.29 18.24
C GLN C 79 -1.24 -27.51 19.54
N CYS C 80 -0.47 -28.08 20.44
CA CYS C 80 -0.10 -27.34 21.65
C CYS C 80 1.02 -26.34 21.42
N ASP C 81 1.33 -26.03 20.16
CA ASP C 81 2.38 -25.07 19.85
C ASP C 81 1.85 -23.74 19.36
N ASP C 82 0.57 -23.69 18.96
CA ASP C 82 -0.05 -22.50 18.39
C ASP C 82 -1.16 -21.97 19.27
N ALA C 83 -0.91 -21.87 20.57
CA ALA C 83 -1.87 -21.32 21.52
C ALA C 83 -1.49 -19.88 21.85
N ALA C 84 -2.38 -18.95 21.54
CA ALA C 84 -2.16 -17.51 21.73
C ALA C 84 -3.51 -16.81 21.55
N THR C 85 -3.46 -15.48 21.41
CA THR C 85 -4.66 -14.71 21.06
C THR C 85 -4.38 -13.92 19.78
N TYR C 86 -5.34 -13.94 18.86
CA TYR C 86 -5.18 -13.40 17.51
C TYR C 86 -5.94 -12.09 17.34
N TYR C 87 -5.53 -11.30 16.34
CA TYR C 87 -6.10 -9.98 16.15
C TYR C 87 -6.14 -9.63 14.66
N CYS C 88 -7.11 -8.78 14.30
CA CYS C 88 -7.22 -8.22 12.96
C CYS C 88 -7.09 -6.71 13.01
N GLN C 89 -6.30 -6.15 12.09
CA GLN C 89 -6.12 -4.71 11.99
C GLN C 89 -6.24 -4.24 10.55
N LEU C 90 -7.02 -3.17 10.34
CA LEU C 90 -7.07 -2.49 9.05
C LEU C 90 -5.71 -1.91 8.70
N ALA C 91 -5.28 -2.10 7.45
CA ALA C 91 -3.91 -1.83 7.06
C ALA C 91 -3.70 -0.48 6.38
N TYR C 92 -4.75 0.17 5.88
CA TYR C 92 -4.60 1.47 5.25
C TYR C 92 -4.50 2.55 6.32
N SER C 93 -3.83 3.64 5.97
CA SER C 93 -3.66 4.75 6.90
C SER C 93 -5.03 5.25 7.33
N SER C 94 -5.22 5.26 8.65
CA SER C 94 -6.56 5.44 9.21
C SER C 94 -7.20 6.72 8.70
N THR C 95 -8.48 6.62 8.34
CA THR C 95 -9.24 7.79 7.94
C THR C 95 -9.38 8.74 9.13
N ASN C 96 -10.04 9.87 8.93
CA ASN C 96 -10.34 10.75 10.05
C ASN C 96 -11.10 9.99 11.13
N VAL C 97 -12.09 9.20 10.74
CA VAL C 97 -12.88 8.41 11.68
C VAL C 97 -12.47 6.95 11.53
N ASP C 98 -12.13 6.31 12.65
CA ASP C 98 -11.55 4.97 12.58
C ASP C 98 -11.80 4.22 13.89
N ASN C 99 -11.66 2.89 13.81
CA ASN C 99 -11.38 2.05 14.99
C ASN C 99 -10.76 0.74 14.50
N ALA C 100 -9.43 0.64 14.60
CA ALA C 100 -8.69 -0.35 13.81
C ALA C 100 -8.73 -1.75 14.42
N PHE C 101 -8.14 -1.92 15.60
CA PHE C 101 -8.02 -3.25 16.18
C PHE C 101 -9.37 -3.76 16.66
N GLY C 102 -9.50 -5.08 16.69
CA GLY C 102 -10.74 -5.73 17.05
C GLY C 102 -10.80 -6.12 18.52
N GLY C 103 -11.81 -6.92 18.84
CA GLY C 103 -12.00 -7.43 20.19
C GLY C 103 -11.12 -8.60 20.56
N GLY C 104 -10.38 -9.16 19.61
CA GLY C 104 -9.45 -10.23 19.90
C GLY C 104 -10.08 -11.60 19.95
N THR C 105 -9.33 -12.62 19.54
CA THR C 105 -9.78 -13.99 19.61
C THR C 105 -8.82 -14.80 20.47
N GLU C 106 -9.35 -15.74 21.23
CA GLU C 106 -8.57 -16.59 22.12
C GLU C 106 -8.75 -18.05 21.74
N VAL C 107 -7.68 -18.82 21.85
CA VAL C 107 -7.65 -20.23 21.47
C VAL C 107 -7.41 -21.07 22.71
N VAL C 108 -8.35 -21.95 23.00
CA VAL C 108 -8.25 -22.90 24.10
C VAL C 108 -8.03 -24.28 23.51
N VAL C 109 -6.94 -24.94 23.92
CA VAL C 109 -6.56 -26.24 23.40
C VAL C 109 -6.80 -27.28 24.49
N LYS C 110 -7.59 -28.30 24.16
CA LYS C 110 -7.90 -29.39 25.09
C LYS C 110 -6.99 -30.57 24.74
N GLY C 111 -5.78 -30.56 25.31
CA GLY C 111 -4.84 -31.62 25.12
C GLY C 111 -5.08 -32.79 26.05
N ASP C 112 -4.09 -33.66 26.14
CA ASP C 112 -4.19 -34.83 26.99
C ASP C 112 -4.22 -34.41 28.44
N PRO C 113 -5.18 -34.87 29.24
CA PRO C 113 -5.25 -34.48 30.65
C PRO C 113 -4.04 -34.99 31.43
N VAL C 114 -3.74 -34.28 32.51
CA VAL C 114 -2.64 -34.65 33.39
C VAL C 114 -3.17 -34.68 34.82
N ALA C 115 -2.45 -35.38 35.69
CA ALA C 115 -2.79 -35.39 37.11
C ALA C 115 -1.98 -34.33 37.86
N PRO C 116 -2.60 -33.59 38.78
CA PRO C 116 -1.85 -32.56 39.53
C PRO C 116 -1.13 -33.12 40.74
N THR C 117 -0.40 -32.26 41.45
CA THR C 117 0.27 -32.65 42.69
C THR C 117 0.51 -31.40 43.51
N VAL C 118 -0.22 -31.28 44.61
CA VAL C 118 -0.27 -30.05 45.39
C VAL C 118 0.94 -29.96 46.29
N LEU C 119 1.56 -28.79 46.33
CA LEU C 119 2.62 -28.47 47.27
C LEU C 119 2.12 -27.36 48.20
N ILE C 120 2.24 -27.57 49.51
CA ILE C 120 1.80 -26.61 50.51
C ILE C 120 3.02 -26.06 51.21
N PHE C 121 3.08 -24.73 51.32
CA PHE C 121 4.28 -24.07 51.83
C PHE C 121 4.00 -23.29 53.10
N PRO C 122 4.50 -23.73 54.26
CA PRO C 122 4.19 -23.02 55.49
C PRO C 122 4.92 -21.69 55.55
N PRO C 123 4.35 -20.71 56.26
CA PRO C 123 4.99 -19.40 56.31
C PRO C 123 6.22 -19.39 57.19
N ALA C 124 7.39 -19.21 56.59
CA ALA C 124 8.64 -19.25 57.33
C ALA C 124 8.70 -18.08 58.32
N ALA C 125 9.78 -18.07 59.09
CA ALA C 125 9.98 -17.00 60.05
C ALA C 125 10.07 -15.64 59.35
N ASP C 126 10.03 -14.59 60.15
CA ASP C 126 10.04 -13.21 59.67
C ASP C 126 8.83 -12.89 58.81
N GLN C 127 7.77 -13.69 58.92
CA GLN C 127 6.51 -13.41 58.26
C GLN C 127 5.34 -13.26 59.23
N VAL C 128 5.36 -13.97 60.36
CA VAL C 128 4.29 -13.84 61.33
C VAL C 128 4.48 -12.59 62.19
N ALA C 129 5.74 -12.19 62.41
CA ALA C 129 6.01 -11.01 63.22
C ALA C 129 5.70 -9.71 62.47
N THR C 130 5.79 -9.73 61.15
CA THR C 130 5.50 -8.52 60.37
C THR C 130 4.04 -8.11 60.51
N GLY C 131 3.14 -9.07 60.73
CA GLY C 131 1.76 -8.74 60.98
C GLY C 131 0.74 -9.52 60.19
N THR C 132 1.06 -9.87 58.94
CA THR C 132 0.15 -10.62 58.09
C THR C 132 0.81 -11.90 57.63
N VAL C 133 0.04 -12.98 57.63
CA VAL C 133 0.54 -14.31 57.30
C VAL C 133 -0.09 -14.75 55.98
N THR C 134 0.60 -15.67 55.30
CA THR C 134 0.16 -16.19 54.02
C THR C 134 0.39 -17.69 53.98
N ILE C 135 -0.45 -18.36 53.20
CA ILE C 135 -0.29 -19.78 52.90
C ILE C 135 -0.32 -19.93 51.38
N VAL C 136 0.63 -20.69 50.84
CA VAL C 136 0.82 -20.84 49.40
C VAL C 136 0.59 -22.30 49.02
N CYS C 137 -0.25 -22.52 48.02
CA CYS C 137 -0.47 -23.83 47.42
C CYS C 137 -0.12 -23.77 45.94
N VAL C 138 0.71 -24.68 45.48
CA VAL C 138 1.17 -24.70 44.09
C VAL C 138 0.72 -26.02 43.46
N ALA C 139 0.01 -25.93 42.35
CA ALA C 139 -0.47 -27.09 41.61
C ALA C 139 0.32 -27.19 40.32
N ASN C 140 0.99 -28.32 40.13
CA ASN C 140 1.99 -28.47 39.07
C ASN C 140 1.51 -29.44 38.01
N LYS C 141 1.58 -29.01 36.75
CA LYS C 141 1.31 -29.84 35.57
C LYS C 141 -0.07 -30.48 35.63
N TYR C 142 -1.09 -29.62 35.63
CA TYR C 142 -2.48 -30.04 35.70
C TYR C 142 -3.24 -29.55 34.48
N PHE C 143 -4.30 -30.27 34.14
CA PHE C 143 -5.20 -29.92 33.05
C PHE C 143 -6.45 -30.79 33.15
N PRO C 144 -7.65 -30.22 33.02
CA PRO C 144 -7.97 -28.82 32.80
C PRO C 144 -7.90 -28.00 34.09
N ASP C 145 -8.43 -26.78 34.07
CA ASP C 145 -8.31 -25.90 35.22
C ASP C 145 -9.10 -26.45 36.41
N VAL C 146 -8.62 -26.12 37.61
CA VAL C 146 -9.17 -26.66 38.85
C VAL C 146 -9.81 -25.56 39.67
N THR C 147 -10.34 -25.92 40.84
CA THR C 147 -10.89 -24.96 41.80
C THR C 147 -10.13 -25.11 43.11
N VAL C 148 -9.94 -24.00 43.82
CA VAL C 148 -9.14 -23.96 45.04
C VAL C 148 -10.05 -23.69 46.23
N THR C 149 -9.85 -24.46 47.31
CA THR C 149 -10.60 -24.29 48.55
C THR C 149 -9.66 -24.44 49.74
N TRP C 150 -10.10 -23.94 50.90
CA TRP C 150 -9.26 -23.93 52.09
C TRP C 150 -10.04 -24.43 53.29
N GLU C 151 -9.33 -25.05 54.23
CA GLU C 151 -9.89 -25.48 55.50
C GLU C 151 -8.97 -24.98 56.59
N VAL C 152 -9.36 -23.89 57.25
CA VAL C 152 -8.55 -23.26 58.29
C VAL C 152 -9.04 -23.83 59.62
N ASP C 153 -8.48 -24.99 59.99
CA ASP C 153 -8.81 -25.67 61.25
C ASP C 153 -10.32 -25.86 61.38
N GLY C 154 -10.95 -26.27 60.29
CA GLY C 154 -12.39 -26.45 60.26
C GLY C 154 -13.18 -25.22 59.89
N THR C 155 -12.52 -24.11 59.56
CA THR C 155 -13.20 -22.90 59.11
C THR C 155 -12.81 -22.65 57.66
N THR C 156 -13.80 -22.53 56.78
CA THR C 156 -13.57 -22.30 55.35
C THR C 156 -13.72 -20.80 55.10
N GLN C 157 -12.59 -20.12 54.92
CA GLN C 157 -12.62 -18.69 54.68
C GLN C 157 -13.24 -18.39 53.32
N THR C 158 -13.53 -17.12 53.09
CA THR C 158 -14.14 -16.69 51.83
C THR C 158 -13.40 -15.48 51.25
N THR C 159 -12.76 -14.68 52.10
CA THR C 159 -12.09 -13.47 51.66
C THR C 159 -10.59 -13.60 51.91
N GLY C 160 -9.80 -13.37 50.87
CA GLY C 160 -8.36 -13.43 50.98
C GLY C 160 -7.71 -14.46 50.08
N ILE C 161 -8.37 -14.80 48.98
CA ILE C 161 -7.90 -15.82 48.05
C ILE C 161 -7.37 -15.12 46.80
N GLU C 162 -6.11 -15.38 46.47
CA GLU C 162 -5.52 -14.87 45.25
C GLU C 162 -5.07 -16.04 44.38
N ASN C 163 -5.41 -15.98 43.09
CA ASN C 163 -5.11 -17.04 42.15
C ASN C 163 -4.32 -16.51 40.97
N SER C 164 -3.35 -17.28 40.50
CA SER C 164 -2.51 -16.91 39.37
C SER C 164 -2.28 -18.14 38.50
N LYS C 165 -2.52 -18.00 37.21
CA LYS C 165 -2.53 -19.10 36.26
C LYS C 165 -1.57 -18.81 35.12
N THR C 166 -0.83 -19.84 34.70
CA THR C 166 0.25 -19.73 33.73
C THR C 166 -0.24 -19.79 32.30
N PRO C 167 0.56 -19.31 31.35
CA PRO C 167 0.26 -19.56 29.94
C PRO C 167 0.36 -21.03 29.61
N GLN C 168 -0.40 -21.44 28.59
CA GLN C 168 -0.47 -22.84 28.23
C GLN C 168 0.90 -23.35 27.80
N ASN C 169 1.21 -24.59 28.18
CA ASN C 169 2.55 -25.11 27.97
C ASN C 169 2.83 -25.33 26.49
N SER C 170 4.12 -25.42 26.17
CA SER C 170 4.60 -25.76 24.83
C SER C 170 5.10 -27.20 24.74
N ALA C 171 4.75 -28.05 25.69
CA ALA C 171 5.05 -29.47 25.61
C ALA C 171 3.78 -30.32 25.56
N ASP C 172 2.90 -30.18 26.55
CA ASP C 172 1.71 -31.01 26.63
C ASP C 172 0.47 -30.23 27.03
N CYS C 173 0.43 -28.93 26.74
CA CYS C 173 -0.69 -28.06 27.08
C CYS C 173 -0.97 -28.02 28.58
N THR C 174 0.02 -28.31 29.41
CA THR C 174 -0.20 -28.39 30.84
C THR C 174 -0.29 -27.01 31.46
N TYR C 175 -1.10 -26.90 32.50
CA TYR C 175 -1.20 -25.69 33.30
C TYR C 175 -0.39 -25.80 34.59
N ASN C 176 -0.12 -24.65 35.19
CA ASN C 176 0.42 -24.55 36.54
C ASN C 176 -0.31 -23.44 37.27
N LEU C 177 -0.72 -23.68 38.51
CA LEU C 177 -1.52 -22.72 39.25
C LEU C 177 -0.87 -22.39 40.59
N SER C 178 -1.04 -21.16 41.04
CA SER C 178 -0.56 -20.73 42.35
C SER C 178 -1.67 -20.02 43.10
N SER C 179 -1.87 -20.38 44.36
CA SER C 179 -2.92 -19.81 45.18
C SER C 179 -2.35 -19.37 46.52
N THR C 180 -2.84 -18.22 46.98
CA THR C 180 -2.36 -17.66 48.24
C THR C 180 -3.54 -17.22 49.10
N LEU C 181 -3.42 -17.45 50.41
CA LEU C 181 -4.38 -16.98 51.39
C LEU C 181 -3.66 -16.10 52.41
N THR C 182 -4.24 -14.94 52.71
CA THR C 182 -3.64 -13.97 53.61
C THR C 182 -4.57 -13.71 54.79
N LEU C 183 -3.99 -13.65 55.98
CA LEU C 183 -4.74 -13.46 57.21
C LEU C 183 -3.93 -12.62 58.20
N THR C 184 -4.59 -12.20 59.27
CA THR C 184 -3.94 -11.42 60.30
C THR C 184 -3.14 -12.33 61.24
N SER C 185 -2.29 -11.70 62.06
CA SER C 185 -1.41 -12.46 62.92
C SER C 185 -2.18 -13.16 64.04
N THR C 186 -3.12 -12.45 64.67
CA THR C 186 -3.89 -13.06 65.75
C THR C 186 -4.72 -14.23 65.24
N GLN C 187 -5.34 -14.07 64.06
CA GLN C 187 -6.12 -15.15 63.49
C GLN C 187 -5.24 -16.37 63.20
N TYR C 188 -4.03 -16.14 62.70
CA TYR C 188 -3.10 -17.25 62.48
C TYR C 188 -2.75 -17.94 63.79
N ASN C 189 -2.48 -17.17 64.83
CA ASN C 189 -2.17 -17.75 66.13
C ASN C 189 -3.38 -18.40 66.78
N SER C 190 -4.58 -18.16 66.25
CA SER C 190 -5.81 -18.68 66.85
C SER C 190 -6.10 -20.14 66.48
N HIS C 191 -5.32 -20.75 65.59
CA HIS C 191 -5.60 -22.11 65.16
C HIS C 191 -4.28 -22.86 64.98
N LYS C 192 -4.38 -24.14 64.61
CA LYS C 192 -3.20 -24.99 64.54
C LYS C 192 -3.01 -25.70 63.20
N GLU C 193 -4.07 -26.16 62.56
CA GLU C 193 -3.97 -26.99 61.36
C GLU C 193 -4.63 -26.30 60.17
N TYR C 194 -4.00 -26.44 59.00
CA TYR C 194 -4.51 -25.87 57.77
C TYR C 194 -4.49 -26.93 56.68
N THR C 195 -5.46 -26.83 55.76
CA THR C 195 -5.60 -27.82 54.70
C THR C 195 -6.00 -27.15 53.39
N CYS C 196 -5.14 -27.25 52.38
CA CYS C 196 -5.40 -26.70 51.06
C CYS C 196 -5.95 -27.80 50.16
N LYS C 197 -7.03 -27.48 49.44
CA LYS C 197 -7.74 -28.46 48.63
C LYS C 197 -7.84 -27.98 47.20
N VAL C 198 -7.52 -28.85 46.25
CA VAL C 198 -7.62 -28.60 44.82
C VAL C 198 -8.59 -29.60 44.23
N THR C 199 -9.59 -29.10 43.48
CA THR C 199 -10.70 -29.93 43.03
C THR C 199 -10.86 -29.86 41.52
N GLN C 200 -10.97 -31.02 40.89
CA GLN C 200 -11.37 -31.16 39.49
C GLN C 200 -12.72 -31.81 39.34
N GLY C 201 -13.11 -32.67 40.28
CA GLY C 201 -14.31 -33.47 40.18
C GLY C 201 -14.31 -34.55 41.22
N THR C 202 -14.51 -35.81 40.80
CA THR C 202 -14.39 -36.92 41.74
C THR C 202 -13.00 -36.99 42.35
N THR C 203 -11.97 -36.65 41.57
CA THR C 203 -10.60 -36.63 42.07
C THR C 203 -10.29 -35.29 42.72
N SER C 204 -9.79 -35.33 43.94
CA SER C 204 -9.43 -34.12 44.67
C SER C 204 -8.08 -34.34 45.34
N VAL C 205 -7.28 -33.29 45.40
CA VAL C 205 -5.94 -33.36 45.98
C VAL C 205 -5.91 -32.48 47.21
N VAL C 206 -5.41 -33.03 48.31
CA VAL C 206 -5.44 -32.35 49.60
C VAL C 206 -4.04 -32.35 50.18
N GLN C 207 -3.60 -31.18 50.66
CA GLN C 207 -2.40 -31.10 51.48
C GLN C 207 -2.76 -30.45 52.80
N SER C 208 -1.99 -30.76 53.84
CA SER C 208 -2.30 -30.23 55.16
C SER C 208 -1.02 -30.11 55.97
N PHE C 209 -1.07 -29.23 56.97
CA PHE C 209 0.06 -29.06 57.88
C PHE C 209 -0.43 -28.38 59.15
N ASN C 210 0.19 -28.75 60.26
CA ASN C 210 -0.17 -28.22 61.57
C ASN C 210 1.07 -27.61 62.23
N ARG C 211 0.84 -26.56 63.02
CA ARG C 211 1.95 -25.85 63.65
C ARG C 211 2.70 -26.76 64.61
N GLY C 212 4.01 -26.55 64.67
CA GLY C 212 4.88 -27.36 65.50
C GLY C 212 5.46 -28.55 64.75
#